data_1CW2
#
_entry.id   1CW2
#
_cell.length_a   183.340
_cell.length_b   59.920
_cell.length_c   67.710
_cell.angle_alpha   90.00
_cell.angle_beta   94.55
_cell.angle_gamma   90.00
#
_symmetry.space_group_name_H-M   'C 1 2 1'
#
loop_
_entity.id
_entity.type
_entity.pdbx_description
1 polymer 'TRYPTOPHAN SYNTHASE (ALPHA CHAIN)'
2 polymer 'TRYPTOPHAN SYNTHASE (BETA CHAIN)'
3 non-polymer '4-(2-HYDROXYPHENYLSULFINYL)-BUTYLPHOSPHONIC ACID'
4 non-polymer 'SODIUM ION'
5 non-polymer "PYRIDOXAL-5'-PHOSPHATE"
6 water water
#
loop_
_entity_poly.entity_id
_entity_poly.type
_entity_poly.pdbx_seq_one_letter_code
_entity_poly.pdbx_strand_id
1 'polypeptide(L)'
;MERYENLFAQLNDRREGAFVPFVTLGDPGIEQSLKIIDTLIDAGADALELGVPFSDPLADGPTIQNANLRAFAAGVTPAQ
CFEMLALIREKHPTIPIGLLMYANLVFNNGIDAFYARCEQVGVDSVLVADVPVEESAPFRQAALRHNIAPIFICPPNADD
DLLRQVASYGRGYTYLLSRSGVTGAENRGALPLHHLIEKLKEYHAAPALQGFGISSPEQVSAAVRAGAAGAISGSAIVKI
IEKNLASPKQMLAELRSFVSAMKAASRA
;
A
2 'polypeptide(L)'
;MTTLLNPYFGEFGGMYVPQILMPALNQLEEAFVRAQKDPEFQAQFADLLKNYAGRPTALTKCQNITAGTRTTLYLKREDL
LHGGAHKTNQVLGQALLAKRMGKSEIIAETGAGQHGVASALASALLGLKCRIYMGAKDVERQSPNVFRMRLMGAEVIPVH
SGSATLKDACNEALRDWSGSYETAHYMLGTAAGPHPYPTIVREFQRMIGEETKAQILDKEGRLPDAVIACVGGGSNAIGM
FADFINDTSVGLIGVEPGGHGIETGEHGAPLKHGRVGIYFGMKAPMMQTADGQIEESYSISAGLDFPSVGPQHAYLNSIG
RADYVSITDDEALEAFKTLCRHEGIIPALESSHALAHALKMMREQPEKEQLLVVNLSGRGDKDIFTVHDILKARGEI
;
B
#
# COMPACT_ATOMS: atom_id res chain seq x y z
N GLU A 2 -11.54 31.81 3.89
CA GLU A 2 -12.04 32.57 2.71
C GLU A 2 -10.90 33.07 1.81
N ARG A 3 -9.67 32.63 2.09
CA ARG A 3 -8.49 33.03 1.34
C ARG A 3 -8.56 32.70 -0.16
N TYR A 4 -8.98 31.49 -0.51
CA TYR A 4 -9.10 31.07 -1.92
C TYR A 4 -10.22 31.85 -2.60
N GLU A 5 -11.33 31.98 -1.88
CA GLU A 5 -12.51 32.72 -2.36
C GLU A 5 -12.07 34.13 -2.77
N ASN A 6 -11.43 34.82 -1.83
CA ASN A 6 -10.93 36.18 -2.07
C ASN A 6 -9.94 36.21 -3.23
N LEU A 7 -8.97 35.29 -3.22
CA LEU A 7 -7.97 35.25 -4.29
C LEU A 7 -8.61 35.11 -5.66
N PHE A 8 -9.53 34.17 -5.81
CA PHE A 8 -10.17 33.95 -7.10
C PHE A 8 -10.98 35.14 -7.59
N ALA A 9 -11.68 35.80 -6.68
CA ALA A 9 -12.49 36.97 -7.03
C ALA A 9 -11.53 38.03 -7.56
N GLN A 10 -10.41 38.19 -6.86
CA GLN A 10 -9.37 39.16 -7.24
C GLN A 10 -8.77 38.88 -8.62
N LEU A 11 -8.46 37.61 -8.91
CA LEU A 11 -7.88 37.25 -10.20
C LEU A 11 -8.93 37.39 -11.31
N ASN A 12 -10.19 37.13 -10.97
CA ASN A 12 -11.26 37.27 -11.94
C ASN A 12 -11.42 38.73 -12.32
N ASP A 13 -11.38 39.62 -11.32
CA ASP A 13 -11.48 41.06 -11.55
C ASP A 13 -10.36 41.52 -12.46
N ARG A 14 -9.25 40.79 -12.41
CA ARG A 14 -8.06 41.10 -13.20
C ARG A 14 -7.97 40.23 -14.46
N ARG A 15 -8.98 39.38 -14.66
CA ARG A 15 -9.03 38.47 -15.81
C ARG A 15 -7.68 37.72 -15.88
N GLU A 16 -7.30 37.11 -14.76
CA GLU A 16 -6.03 36.44 -14.65
C GLU A 16 -6.18 35.01 -14.15
N GLY A 17 -5.20 34.17 -14.46
CA GLY A 17 -5.23 32.80 -13.97
C GLY A 17 -4.28 32.74 -12.77
N ALA A 18 -4.44 31.74 -11.91
CA ALA A 18 -3.59 31.59 -10.73
C ALA A 18 -2.37 30.71 -11.01
N PHE A 19 -1.19 31.12 -10.57
CA PHE A 19 -0.03 30.24 -10.72
C PHE A 19 0.35 29.77 -9.33
N VAL A 20 0.27 28.45 -9.12
CA VAL A 20 0.53 27.81 -7.82
C VAL A 20 1.69 26.79 -7.82
N PRO A 21 2.87 27.19 -7.31
CA PRO A 21 4.02 26.28 -7.26
C PRO A 21 3.95 25.32 -6.08
N PHE A 22 4.63 24.18 -6.22
CA PHE A 22 4.69 23.18 -5.18
C PHE A 22 6.13 22.93 -4.73
N VAL A 23 6.33 22.75 -3.44
CA VAL A 23 7.63 22.42 -2.87
C VAL A 23 7.39 21.58 -1.63
N THR A 24 8.40 20.81 -1.24
CA THR A 24 8.31 19.98 -0.05
C THR A 24 8.90 20.79 1.11
N LEU A 25 8.16 20.87 2.22
CA LEU A 25 8.66 21.62 3.38
C LEU A 25 9.93 20.97 3.92
N GLY A 26 10.99 21.77 4.07
CA GLY A 26 12.25 21.26 4.59
C GLY A 26 13.28 20.83 3.56
N ASP A 27 12.95 20.96 2.27
CA ASP A 27 13.85 20.60 1.18
C ASP A 27 14.55 21.88 0.68
N PRO A 28 15.90 21.94 0.73
CA PRO A 28 16.89 20.94 1.18
C PRO A 28 17.19 21.02 2.69
N GLY A 29 16.66 22.07 3.33
CA GLY A 29 16.83 22.27 4.76
C GLY A 29 15.74 23.24 5.20
N ILE A 30 15.52 23.41 6.49
CA ILE A 30 14.49 24.32 6.96
C ILE A 30 14.71 25.79 6.58
N GLU A 31 15.89 26.32 6.90
CA GLU A 31 16.21 27.72 6.59
C GLU A 31 16.20 28.02 5.10
N GLN A 32 16.74 27.10 4.30
CA GLN A 32 16.77 27.27 2.85
C GLN A 32 15.36 27.13 2.30
N SER A 33 14.55 26.25 2.89
CA SER A 33 13.18 26.06 2.45
C SER A 33 12.36 27.34 2.70
N LEU A 34 12.51 27.93 3.89
CA LEU A 34 11.80 29.16 4.23
C LEU A 34 12.18 30.25 3.22
N LYS A 35 13.46 30.24 2.85
CA LYS A 35 14.01 31.18 1.89
C LYS A 35 13.43 30.94 0.49
N ILE A 36 13.30 29.68 0.09
CA ILE A 36 12.75 29.29 -1.21
C ILE A 36 11.30 29.80 -1.32
N ILE A 37 10.53 29.58 -0.27
CA ILE A 37 9.14 29.98 -0.22
C ILE A 37 8.94 31.50 -0.32
N ASP A 38 9.82 32.28 0.30
CA ASP A 38 9.67 33.74 0.22
C ASP A 38 9.98 34.19 -1.21
N THR A 39 10.95 33.55 -1.85
CA THR A 39 11.35 33.87 -3.21
C THR A 39 10.20 33.56 -4.18
N LEU A 40 9.55 32.43 -3.94
CA LEU A 40 8.42 31.96 -4.74
C LEU A 40 7.30 33.01 -4.73
N ILE A 41 6.98 33.49 -3.53
CA ILE A 41 5.95 34.50 -3.35
C ILE A 41 6.35 35.83 -3.98
N ASP A 42 7.59 36.26 -3.75
CA ASP A 42 8.08 37.52 -4.29
C ASP A 42 8.09 37.55 -5.81
N ALA A 43 8.36 36.38 -6.42
CA ALA A 43 8.40 36.27 -7.86
C ALA A 43 7.01 36.22 -8.50
N GLY A 44 5.96 36.14 -7.67
CA GLY A 44 4.62 36.13 -8.23
C GLY A 44 3.65 34.99 -7.96
N ALA A 45 3.99 34.05 -7.08
CA ALA A 45 3.09 32.93 -6.80
C ALA A 45 1.80 33.48 -6.21
N ASP A 46 0.65 32.98 -6.71
CA ASP A 46 -0.66 33.42 -6.22
C ASP A 46 -1.08 32.66 -4.98
N ALA A 47 -0.63 31.42 -4.87
CA ALA A 47 -0.94 30.55 -3.73
C ALA A 47 0.18 29.50 -3.63
N LEU A 48 0.14 28.69 -2.58
CA LEU A 48 1.16 27.66 -2.34
C LEU A 48 0.57 26.28 -2.07
N GLU A 49 1.26 25.26 -2.57
CA GLU A 49 0.89 23.86 -2.34
C GLU A 49 2.17 23.30 -1.70
N LEU A 50 2.08 22.94 -0.42
CA LEU A 50 3.21 22.47 0.36
C LEU A 50 3.09 21.03 0.83
N GLY A 51 4.09 20.22 0.53
CA GLY A 51 4.05 18.83 0.93
C GLY A 51 4.82 18.61 2.23
N VAL A 52 4.29 17.81 3.15
CA VAL A 52 5.04 17.54 4.36
C VAL A 52 5.73 16.23 4.08
N PRO A 53 7.02 16.11 4.45
CA PRO A 53 7.81 14.89 4.21
C PRO A 53 7.13 13.59 4.69
N PHE A 54 6.95 12.66 3.75
CA PHE A 54 6.36 11.36 4.08
C PHE A 54 7.31 10.28 3.57
N SER A 55 7.38 9.17 4.30
CA SER A 55 8.24 8.05 3.95
C SER A 55 7.78 7.29 2.70
N ASP A 56 6.48 7.27 2.45
CA ASP A 56 5.97 6.51 1.31
C ASP A 56 5.01 7.26 0.39
N PRO A 57 5.52 8.27 -0.35
CA PRO A 57 4.74 9.10 -1.28
C PRO A 57 4.38 8.38 -2.60
N LEU A 58 3.38 7.50 -2.52
CA LEU A 58 2.95 6.68 -3.66
C LEU A 58 2.23 7.35 -4.83
N ALA A 59 2.04 8.66 -4.77
CA ALA A 59 1.39 9.37 -5.87
C ALA A 59 2.40 10.31 -6.53
N ASP A 60 3.66 10.19 -6.12
CA ASP A 60 4.72 11.04 -6.63
C ASP A 60 5.82 10.34 -7.42
N GLY A 61 6.24 11.00 -8.50
CA GLY A 61 7.31 10.50 -9.34
C GLY A 61 8.67 10.75 -8.69
N PRO A 62 9.79 10.38 -9.34
CA PRO A 62 11.14 10.56 -8.81
C PRO A 62 11.51 11.94 -8.27
N THR A 63 11.18 12.99 -9.01
CA THR A 63 11.55 14.34 -8.57
C THR A 63 11.07 14.66 -7.15
N ILE A 64 9.78 14.51 -6.93
CA ILE A 64 9.20 14.79 -5.62
C ILE A 64 9.56 13.70 -4.58
N GLN A 65 9.85 12.50 -5.07
CA GLN A 65 10.25 11.39 -4.19
C GLN A 65 11.55 11.82 -3.52
N ASN A 66 12.42 12.44 -4.31
CA ASN A 66 13.72 12.92 -3.84
C ASN A 66 13.61 14.14 -2.94
N ALA A 67 12.57 14.95 -3.15
CA ALA A 67 12.37 16.13 -2.32
C ALA A 67 12.12 15.65 -0.87
N ASN A 68 11.32 14.60 -0.73
CA ASN A 68 10.98 14.02 0.57
C ASN A 68 12.23 13.44 1.22
N LEU A 69 13.05 12.79 0.39
CA LEU A 69 14.29 12.18 0.84
C LEU A 69 15.26 13.25 1.35
N ARG A 70 15.38 14.35 0.61
CA ARG A 70 16.26 15.45 1.00
C ARG A 70 15.77 16.08 2.33
N ALA A 71 14.47 16.26 2.48
CA ALA A 71 13.91 16.82 3.71
C ALA A 71 14.20 15.88 4.89
N PHE A 72 14.06 14.57 4.65
CA PHE A 72 14.33 13.52 5.66
C PHE A 72 15.81 13.59 6.08
N ALA A 73 16.70 13.76 5.09
CA ALA A 73 18.14 13.86 5.33
C ALA A 73 18.45 15.05 6.24
N ALA A 74 17.62 16.10 6.13
CA ALA A 74 17.79 17.30 6.96
C ALA A 74 17.15 17.09 8.35
N GLY A 75 16.30 16.08 8.47
CA GLY A 75 15.67 15.78 9.75
C GLY A 75 14.37 16.48 10.04
N VAL A 76 13.69 16.91 8.98
CA VAL A 76 12.41 17.61 9.14
C VAL A 76 11.30 16.66 9.57
N THR A 77 10.57 17.07 10.61
CA THR A 77 9.48 16.30 11.17
C THR A 77 8.18 17.10 11.04
N PRO A 78 7.02 16.41 11.07
CA PRO A 78 5.72 17.08 10.96
C PRO A 78 5.54 18.22 11.98
N ALA A 79 6.18 18.11 13.14
CA ALA A 79 6.08 19.15 14.18
C ALA A 79 6.84 20.40 13.74
N GLN A 80 7.98 20.19 13.10
CA GLN A 80 8.81 21.29 12.63
C GLN A 80 8.10 21.95 11.44
N CYS A 81 7.33 21.15 10.70
CA CYS A 81 6.57 21.64 9.57
C CYS A 81 5.52 22.65 10.00
N PHE A 82 4.77 22.32 11.06
CA PHE A 82 3.73 23.23 11.55
C PHE A 82 4.30 24.55 12.09
N GLU A 83 5.55 24.50 12.53
CA GLU A 83 6.26 25.64 13.06
C GLU A 83 6.60 26.53 11.86
N MET A 84 7.05 25.86 10.80
CA MET A 84 7.44 26.51 9.55
C MET A 84 6.19 27.19 8.95
N LEU A 85 5.08 26.46 8.96
CA LEU A 85 3.79 26.92 8.45
C LEU A 85 3.26 28.16 9.18
N ALA A 86 3.45 28.19 10.50
CA ALA A 86 3.00 29.32 11.32
C ALA A 86 3.77 30.61 10.96
N LEU A 87 5.07 30.48 10.78
CA LEU A 87 5.93 31.62 10.43
C LEU A 87 5.64 32.11 9.01
N ILE A 88 5.39 31.18 8.08
CA ILE A 88 5.07 31.56 6.70
C ILE A 88 3.82 32.42 6.74
N ARG A 89 2.83 32.05 7.55
CA ARG A 89 1.63 32.86 7.65
C ARG A 89 1.82 34.20 8.36
N GLU A 90 2.69 34.22 9.36
CA GLU A 90 2.96 35.45 10.10
C GLU A 90 3.63 36.46 9.19
N LYS A 91 4.21 35.96 8.11
CA LYS A 91 4.93 36.81 7.15
C LYS A 91 4.03 37.20 5.96
N HIS A 92 3.12 36.31 5.60
CA HIS A 92 2.24 36.51 4.45
C HIS A 92 0.81 36.24 4.88
N PRO A 93 0.06 37.32 5.15
CA PRO A 93 -1.34 37.24 5.60
C PRO A 93 -2.46 36.78 4.66
N THR A 94 -2.31 36.98 3.36
CA THR A 94 -3.39 36.64 2.44
C THR A 94 -3.21 35.50 1.46
N ILE A 95 -1.97 35.05 1.24
CA ILE A 95 -1.70 33.96 0.29
C ILE A 95 -2.31 32.62 0.73
N PRO A 96 -3.12 31.98 -0.15
CA PRO A 96 -3.73 30.69 0.21
C PRO A 96 -2.65 29.61 0.32
N ILE A 97 -2.73 28.83 1.40
CA ILE A 97 -1.77 27.76 1.65
C ILE A 97 -2.46 26.41 1.71
N GLY A 98 -2.06 25.51 0.82
CA GLY A 98 -2.63 24.17 0.78
C GLY A 98 -1.57 23.13 1.09
N LEU A 99 -1.92 22.14 1.90
CA LEU A 99 -1.01 21.06 2.26
C LEU A 99 -1.28 19.82 1.41
N LEU A 100 -0.22 19.13 1.01
CA LEU A 100 -0.33 17.88 0.25
C LEU A 100 0.04 16.86 1.33
N MET A 101 -0.91 16.00 1.67
CA MET A 101 -0.72 15.06 2.76
C MET A 101 -0.99 13.63 2.28
N TYR A 102 -0.45 12.65 3.02
CA TYR A 102 -0.76 11.24 2.77
C TYR A 102 -1.57 10.90 4.03
N ALA A 103 -2.49 9.95 3.91
CA ALA A 103 -3.42 9.60 4.97
C ALA A 103 -2.89 9.27 6.36
N ASN A 104 -1.82 8.50 6.43
CA ASN A 104 -1.30 8.13 7.73
C ASN A 104 -0.88 9.30 8.61
N LEU A 105 -0.36 10.36 7.99
CA LEU A 105 0.08 11.53 8.74
C LEU A 105 -1.06 12.34 9.36
N VAL A 106 -2.25 12.30 8.76
CA VAL A 106 -3.37 13.02 9.35
C VAL A 106 -4.19 12.12 10.30
N PHE A 107 -4.20 10.82 10.05
CA PHE A 107 -4.93 9.87 10.91
C PHE A 107 -4.12 9.53 12.15
N ASN A 108 -2.81 9.50 11.99
CA ASN A 108 -1.85 9.17 13.04
C ASN A 108 -2.19 9.62 14.47
N ASN A 109 -2.34 10.93 14.66
CA ASN A 109 -2.64 11.49 15.98
C ASN A 109 -4.12 11.82 16.13
N GLY A 110 -4.95 11.27 15.26
CA GLY A 110 -6.37 11.57 15.29
C GLY A 110 -6.65 12.63 14.25
N ILE A 111 -7.62 12.34 13.39
CA ILE A 111 -8.02 13.20 12.29
C ILE A 111 -8.45 14.59 12.73
N ASP A 112 -9.31 14.65 13.73
CA ASP A 112 -9.80 15.93 14.21
C ASP A 112 -8.66 16.82 14.69
N ALA A 113 -7.74 16.25 15.47
CA ALA A 113 -6.62 17.00 15.98
C ALA A 113 -5.68 17.54 14.90
N PHE A 114 -5.59 16.84 13.77
CA PHE A 114 -4.73 17.32 12.68
C PHE A 114 -5.31 18.60 12.07
N TYR A 115 -6.62 18.60 11.78
CA TYR A 115 -7.26 19.76 11.20
C TYR A 115 -7.30 20.95 12.16
N ALA A 116 -7.37 20.66 13.46
CA ALA A 116 -7.36 21.70 14.49
C ALA A 116 -6.01 22.41 14.42
N ARG A 117 -4.95 21.62 14.29
CA ARG A 117 -3.60 22.16 14.17
C ARG A 117 -3.45 23.01 12.90
N CYS A 118 -4.01 22.55 11.79
CA CYS A 118 -3.96 23.31 10.53
C CYS A 118 -4.59 24.70 10.73
N GLU A 119 -5.76 24.73 11.35
CA GLU A 119 -6.46 25.98 11.63
C GLU A 119 -5.57 26.91 12.46
N GLN A 120 -5.07 26.39 13.57
CA GLN A 120 -4.22 27.17 14.45
C GLN A 120 -3.03 27.82 13.75
N VAL A 121 -2.48 27.12 12.78
CA VAL A 121 -1.32 27.60 12.04
C VAL A 121 -1.67 28.50 10.85
N GLY A 122 -2.93 28.46 10.41
CA GLY A 122 -3.35 29.30 9.31
C GLY A 122 -3.39 28.64 7.96
N VAL A 123 -3.41 27.31 7.94
CA VAL A 123 -3.48 26.56 6.67
C VAL A 123 -4.87 26.77 6.09
N ASP A 124 -4.97 26.84 4.77
CA ASP A 124 -6.26 27.04 4.10
C ASP A 124 -6.92 25.79 3.56
N SER A 125 -6.12 24.85 3.05
CA SER A 125 -6.73 23.63 2.53
C SER A 125 -5.85 22.39 2.73
N VAL A 126 -6.47 21.23 2.61
CA VAL A 126 -5.76 19.97 2.72
C VAL A 126 -6.23 18.97 1.66
N LEU A 127 -5.26 18.42 0.94
CA LEU A 127 -5.50 17.39 -0.07
C LEU A 127 -4.78 16.18 0.49
N VAL A 128 -5.51 15.07 0.67
CA VAL A 128 -4.90 13.82 1.16
C VAL A 128 -4.84 12.94 -0.11
N ALA A 129 -3.64 12.79 -0.67
CA ALA A 129 -3.44 12.06 -1.91
C ALA A 129 -4.02 10.64 -2.01
N ASP A 130 -4.03 9.89 -0.91
CA ASP A 130 -4.55 8.52 -0.94
C ASP A 130 -5.93 8.25 -0.32
N VAL A 131 -6.77 9.28 -0.33
CA VAL A 131 -8.13 9.15 0.20
C VAL A 131 -9.11 9.53 -0.92
N PRO A 132 -9.75 8.52 -1.57
CA PRO A 132 -10.72 8.81 -2.64
C PRO A 132 -12.01 9.36 -1.99
N VAL A 133 -12.96 9.85 -2.80
CA VAL A 133 -14.22 10.42 -2.28
C VAL A 133 -15.01 9.42 -1.46
N GLU A 134 -14.85 8.16 -1.83
CA GLU A 134 -15.50 7.01 -1.22
C GLU A 134 -15.08 6.85 0.25
N GLU A 135 -13.88 7.28 0.56
CA GLU A 135 -13.28 7.14 1.88
C GLU A 135 -13.11 8.49 2.60
N SER A 136 -13.60 9.57 1.99
CA SER A 136 -13.42 10.94 2.51
C SER A 136 -14.26 11.47 3.67
N ALA A 137 -15.39 10.86 3.97
CA ALA A 137 -16.28 11.38 5.02
C ALA A 137 -15.61 11.96 6.27
N PRO A 138 -14.88 11.13 7.03
CA PRO A 138 -14.24 11.70 8.22
C PRO A 138 -13.26 12.87 8.00
N PHE A 139 -12.53 12.88 6.88
CA PHE A 139 -11.55 13.95 6.60
C PHE A 139 -12.28 15.25 6.21
N ARG A 140 -13.32 15.08 5.42
CA ARG A 140 -14.19 16.16 4.92
C ARG A 140 -14.83 16.91 6.10
N GLN A 141 -15.48 16.14 6.96
CA GLN A 141 -16.20 16.61 8.13
C GLN A 141 -15.24 17.34 9.07
N ALA A 142 -14.09 16.74 9.35
CA ALA A 142 -13.11 17.36 10.25
C ALA A 142 -12.55 18.67 9.68
N ALA A 143 -12.28 18.69 8.38
CA ALA A 143 -11.76 19.87 7.70
C ALA A 143 -12.77 21.03 7.83
N LEU A 144 -14.02 20.75 7.47
CA LEU A 144 -15.11 21.74 7.51
C LEU A 144 -15.30 22.28 8.92
N ARG A 145 -15.20 21.38 9.90
CA ARG A 145 -15.36 21.76 11.32
C ARG A 145 -14.29 22.74 11.78
N HIS A 146 -13.12 22.74 11.13
CA HIS A 146 -12.06 23.63 11.53
C HIS A 146 -11.74 24.70 10.46
N ASN A 147 -12.74 24.98 9.64
CA ASN A 147 -12.62 26.00 8.59
C ASN A 147 -11.47 25.78 7.62
N ILE A 148 -11.23 24.52 7.28
CA ILE A 148 -10.19 24.11 6.34
C ILE A 148 -10.91 23.54 5.12
N ALA A 149 -10.43 23.89 3.92
CA ALA A 149 -11.05 23.41 2.69
C ALA A 149 -10.57 22.01 2.32
N PRO A 150 -11.51 21.05 2.19
CA PRO A 150 -11.13 19.68 1.82
C PRO A 150 -11.02 19.64 0.27
N ILE A 151 -9.82 19.41 -0.24
CA ILE A 151 -9.60 19.38 -1.69
C ILE A 151 -9.81 17.99 -2.31
N PHE A 152 -10.65 17.91 -3.35
CA PHE A 152 -10.90 16.64 -4.02
C PHE A 152 -10.33 16.63 -5.43
N ILE A 153 -9.86 15.45 -5.85
CA ILE A 153 -9.27 15.27 -7.17
C ILE A 153 -10.30 14.78 -8.19
N CYS A 154 -10.34 15.47 -9.32
CA CYS A 154 -11.24 15.14 -10.42
C CYS A 154 -10.36 14.58 -11.53
N PRO A 155 -10.39 13.24 -11.72
CA PRO A 155 -9.61 12.52 -12.73
C PRO A 155 -10.03 13.01 -14.12
N PRO A 156 -9.16 12.85 -15.14
CA PRO A 156 -9.51 13.31 -16.49
C PRO A 156 -10.64 12.48 -17.13
N ASN A 157 -10.93 11.33 -16.50
CA ASN A 157 -11.96 10.40 -16.96
C ASN A 157 -13.09 10.25 -15.93
N ALA A 158 -13.41 11.32 -15.21
CA ALA A 158 -14.46 11.26 -14.21
C ALA A 158 -15.86 11.17 -14.82
N ASP A 159 -16.68 10.26 -14.28
CA ASP A 159 -18.05 10.13 -14.76
C ASP A 159 -18.90 11.17 -14.06
N ASP A 160 -20.14 11.34 -14.53
CA ASP A 160 -21.05 12.32 -13.98
C ASP A 160 -21.22 12.25 -12.47
N ASP A 161 -21.43 11.03 -11.96
CA ASP A 161 -21.60 10.83 -10.52
C ASP A 161 -20.43 11.40 -9.73
N LEU A 162 -19.21 11.16 -10.22
CA LEU A 162 -18.01 11.65 -9.58
C LEU A 162 -17.96 13.18 -9.62
N LEU A 163 -18.23 13.76 -10.79
CA LEU A 163 -18.21 15.21 -10.95
C LEU A 163 -19.17 15.87 -9.96
N ARG A 164 -20.36 15.28 -9.86
CA ARG A 164 -21.41 15.76 -8.97
C ARG A 164 -20.95 15.67 -7.51
N GLN A 165 -20.23 14.59 -7.18
CA GLN A 165 -19.73 14.36 -5.83
C GLN A 165 -18.64 15.37 -5.49
N VAL A 166 -17.65 15.47 -6.37
CA VAL A 166 -16.53 16.38 -6.20
C VAL A 166 -17.03 17.82 -6.03
N ALA A 167 -18.01 18.20 -6.84
CA ALA A 167 -18.56 19.55 -6.79
C ALA A 167 -19.24 19.84 -5.45
N SER A 168 -19.97 18.85 -4.95
CA SER A 168 -20.70 18.99 -3.71
C SER A 168 -19.82 19.02 -2.45
N TYR A 169 -18.83 18.14 -2.42
CA TYR A 169 -17.93 17.97 -1.27
C TYR A 169 -16.77 18.94 -1.12
N GLY A 170 -16.09 19.23 -2.23
CA GLY A 170 -14.93 20.10 -2.19
C GLY A 170 -15.16 21.57 -1.87
N ARG A 171 -14.07 22.28 -1.61
CA ARG A 171 -14.12 23.70 -1.30
C ARG A 171 -12.74 24.25 -1.59
N GLY A 172 -12.58 25.57 -1.64
CA GLY A 172 -11.28 26.16 -1.94
C GLY A 172 -11.03 26.13 -3.45
N TYR A 173 -10.65 24.96 -3.96
CA TYR A 173 -10.42 24.76 -5.39
C TYR A 173 -10.65 23.27 -5.68
N THR A 174 -10.92 22.95 -6.94
CA THR A 174 -11.13 21.57 -7.39
C THR A 174 -9.80 21.21 -8.08
N TYR A 175 -9.21 20.08 -7.70
CA TYR A 175 -7.94 19.67 -8.28
C TYR A 175 -8.20 18.94 -9.60
N LEU A 176 -7.95 19.61 -10.72
CA LEU A 176 -8.19 18.99 -12.04
C LEU A 176 -6.93 18.29 -12.52
N LEU A 177 -6.99 16.96 -12.53
CA LEU A 177 -5.88 16.14 -12.97
C LEU A 177 -5.83 16.16 -14.50
N SER A 178 -4.71 16.56 -15.08
CA SER A 178 -4.59 16.59 -16.53
C SER A 178 -4.12 15.26 -17.07
N ARG A 179 -3.76 14.36 -16.17
CA ARG A 179 -3.17 13.08 -16.53
C ARG A 179 -3.39 11.92 -15.56
N SER A 180 -3.26 10.71 -16.10
CA SER A 180 -3.30 9.48 -15.31
C SER A 180 -1.84 9.40 -14.80
N GLY A 181 -1.54 8.45 -13.89
CA GLY A 181 -0.17 8.32 -13.40
C GLY A 181 0.23 9.11 -12.15
N VAL A 182 1.53 9.39 -12.00
CA VAL A 182 2.07 10.12 -10.85
C VAL A 182 2.64 11.51 -11.22
N THR A 183 3.05 12.28 -10.22
CA THR A 183 3.61 13.62 -10.44
C THR A 183 4.93 13.52 -11.21
N GLY A 184 5.17 14.48 -12.09
CA GLY A 184 6.41 14.46 -12.85
C GLY A 184 6.33 15.37 -14.05
N ALA A 185 7.32 16.26 -14.20
CA ALA A 185 7.37 17.19 -15.33
C ALA A 185 7.82 16.44 -16.57
N GLU A 186 8.20 15.18 -16.36
CA GLU A 186 8.67 14.23 -17.37
C GLU A 186 7.61 14.02 -18.46
N ASN A 187 6.39 13.74 -18.03
CA ASN A 187 5.28 13.46 -18.92
C ASN A 187 4.26 14.60 -18.92
N ARG A 188 3.87 15.02 -20.11
CA ARG A 188 2.92 16.11 -20.28
C ARG A 188 1.48 15.58 -20.21
N GLY A 189 1.07 14.84 -21.24
CA GLY A 189 -0.27 14.28 -21.28
C GLY A 189 -1.38 15.26 -21.64
N PRO A 192 -7.68 16.93 -23.44
CA PRO A 192 -8.54 18.16 -23.44
C PRO A 192 -9.51 18.07 -22.27
N LEU A 193 -9.48 19.04 -21.38
CA LEU A 193 -10.34 19.03 -20.21
C LEU A 193 -11.60 19.93 -20.26
N HIS A 194 -11.89 20.47 -21.44
CA HIS A 194 -13.03 21.37 -21.63
C HIS A 194 -14.36 20.87 -21.05
N HIS A 195 -14.65 19.59 -21.30
CA HIS A 195 -15.90 19.00 -20.82
C HIS A 195 -15.98 18.98 -19.30
N LEU A 196 -14.92 18.53 -18.64
CA LEU A 196 -14.94 18.47 -17.19
C LEU A 196 -15.06 19.88 -16.64
N ILE A 197 -14.23 20.80 -17.12
CA ILE A 197 -14.25 22.19 -16.68
C ILE A 197 -15.65 22.84 -16.75
N GLU A 198 -16.38 22.51 -17.81
CA GLU A 198 -17.72 23.05 -18.00
C GLU A 198 -18.74 22.40 -17.08
N LYS A 199 -18.63 21.09 -16.94
CA LYS A 199 -19.52 20.33 -16.09
C LYS A 199 -19.35 20.75 -14.60
N LEU A 200 -18.11 20.92 -14.16
CA LEU A 200 -17.83 21.36 -12.78
C LEU A 200 -18.46 22.73 -12.52
N LYS A 201 -18.36 23.60 -13.52
CA LYS A 201 -18.92 24.96 -13.44
C LYS A 201 -20.45 24.85 -13.30
N GLU A 202 -21.03 23.92 -14.05
CA GLU A 202 -22.46 23.64 -14.04
C GLU A 202 -22.92 23.27 -12.62
N TYR A 203 -22.14 22.42 -11.97
CA TYR A 203 -22.46 21.95 -10.62
C TYR A 203 -21.94 22.86 -9.51
N HIS A 204 -21.54 24.08 -9.87
CA HIS A 204 -21.03 25.07 -8.92
C HIS A 204 -19.89 24.56 -8.06
N ALA A 205 -18.96 23.84 -8.68
CA ALA A 205 -17.80 23.32 -7.97
C ALA A 205 -16.85 24.49 -7.65
N ALA A 206 -15.92 24.28 -6.74
CA ALA A 206 -14.93 25.31 -6.40
C ALA A 206 -14.09 25.48 -7.69
N PRO A 207 -13.53 26.69 -7.92
CA PRO A 207 -12.70 26.92 -9.12
C PRO A 207 -11.63 25.84 -9.31
N ALA A 208 -11.44 25.41 -10.55
CA ALA A 208 -10.47 24.36 -10.86
C ALA A 208 -9.04 24.83 -11.08
N LEU A 209 -8.11 24.08 -10.51
CA LEU A 209 -6.68 24.31 -10.67
C LEU A 209 -6.14 23.04 -11.33
N GLN A 210 -5.55 23.19 -12.51
CA GLN A 210 -4.99 22.04 -13.23
C GLN A 210 -3.63 21.64 -12.69
N GLY A 211 -3.45 20.34 -12.42
CA GLY A 211 -2.18 19.86 -11.89
C GLY A 211 -1.70 18.57 -12.55
N PHE A 212 -0.38 18.40 -12.57
CA PHE A 212 0.35 17.26 -13.15
C PHE A 212 0.89 17.58 -14.55
N GLY A 213 2.22 17.51 -14.67
CA GLY A 213 2.91 17.76 -15.94
C GLY A 213 3.08 19.19 -16.42
N ILE A 214 2.56 20.16 -15.68
CA ILE A 214 2.68 21.58 -16.07
C ILE A 214 4.10 22.07 -15.80
N SER A 215 4.88 22.31 -16.86
CA SER A 215 6.25 22.76 -16.67
C SER A 215 6.71 23.95 -17.51
N SER A 216 5.85 24.44 -18.38
CA SER A 216 6.20 25.56 -19.24
C SER A 216 5.10 26.61 -19.24
N PRO A 217 5.45 27.86 -19.55
CA PRO A 217 4.47 28.95 -19.58
C PRO A 217 3.29 28.74 -20.54
N GLU A 218 3.54 28.14 -21.72
CA GLU A 218 2.45 27.87 -22.68
C GLU A 218 1.41 26.97 -22.05
N GLN A 219 1.85 26.13 -21.12
CA GLN A 219 0.95 25.19 -20.47
C GLN A 219 -0.01 25.92 -19.53
N VAL A 220 0.45 26.96 -18.83
CA VAL A 220 -0.44 27.70 -17.93
C VAL A 220 -1.44 28.58 -18.71
N SER A 221 -1.02 29.15 -19.84
CA SER A 221 -1.92 29.99 -20.64
C SER A 221 -3.01 29.08 -21.22
N ALA A 222 -2.63 27.89 -21.68
CA ALA A 222 -3.58 26.91 -22.22
C ALA A 222 -4.62 26.50 -21.16
N ALA A 223 -4.15 26.30 -19.92
CA ALA A 223 -5.05 25.93 -18.81
C ALA A 223 -6.13 27.01 -18.62
N VAL A 224 -5.68 28.27 -18.56
CA VAL A 224 -6.58 29.43 -18.40
C VAL A 224 -7.57 29.52 -19.57
N ARG A 225 -7.06 29.32 -20.79
CA ARG A 225 -7.86 29.35 -22.03
C ARG A 225 -8.95 28.28 -22.06
N ALA A 226 -8.65 27.10 -21.53
CA ALA A 226 -9.61 25.99 -21.47
C ALA A 226 -10.79 26.26 -20.51
N GLY A 227 -10.59 27.17 -19.56
CA GLY A 227 -11.63 27.49 -18.60
C GLY A 227 -11.24 27.28 -17.14
N ALA A 228 -10.02 26.79 -16.90
CA ALA A 228 -9.54 26.54 -15.55
C ALA A 228 -9.14 27.85 -14.88
N ALA A 229 -9.25 27.91 -13.56
CA ALA A 229 -8.91 29.11 -12.81
C ALA A 229 -7.40 29.29 -12.59
N GLY A 230 -6.64 28.24 -12.88
CA GLY A 230 -5.19 28.34 -12.69
C GLY A 230 -4.48 27.01 -12.92
N ALA A 231 -3.20 26.96 -12.59
CA ALA A 231 -2.40 25.74 -12.77
C ALA A 231 -1.40 25.56 -11.62
N ILE A 232 -1.12 24.29 -11.29
CA ILE A 232 -0.16 23.93 -10.24
C ILE A 232 1.08 23.32 -10.91
N SER A 233 2.28 23.69 -10.45
CA SER A 233 3.53 23.17 -11.00
C SER A 233 4.46 22.73 -9.87
N GLY A 234 4.81 21.45 -9.84
CA GLY A 234 5.68 20.93 -8.79
C GLY A 234 7.07 20.46 -9.19
N SER A 235 7.15 19.40 -9.99
CA SER A 235 8.45 18.86 -10.41
C SER A 235 9.36 19.88 -11.11
N ALA A 236 8.76 20.76 -11.91
CA ALA A 236 9.54 21.79 -12.59
C ALA A 236 10.19 22.69 -11.55
N ILE A 237 9.49 22.92 -10.45
CA ILE A 237 9.99 23.77 -9.39
C ILE A 237 11.08 23.05 -8.59
N VAL A 238 10.78 21.83 -8.15
CA VAL A 238 11.72 21.02 -7.35
C VAL A 238 13.01 20.71 -8.13
N LYS A 239 12.90 20.57 -9.44
CA LYS A 239 14.08 20.28 -10.27
C LYS A 239 15.10 21.42 -10.17
N ILE A 240 14.63 22.66 -10.00
CA ILE A 240 15.53 23.83 -9.88
C ILE A 240 16.31 23.75 -8.56
N ILE A 241 15.65 23.26 -7.51
CA ILE A 241 16.28 23.08 -6.20
C ILE A 241 17.36 21.99 -6.32
N GLU A 242 16.97 20.83 -6.86
CA GLU A 242 17.86 19.69 -7.07
C GLU A 242 19.12 20.09 -7.83
N LYS A 243 18.91 20.82 -8.93
CA LYS A 243 20.00 21.30 -9.79
C LYS A 243 20.98 22.21 -9.10
N ASN A 244 20.48 23.10 -8.25
CA ASN A 244 21.31 24.09 -7.58
C ASN A 244 21.65 23.90 -6.10
N LEU A 245 21.68 22.66 -5.65
CA LEU A 245 21.98 22.34 -4.24
C LEU A 245 23.31 22.91 -3.72
N ALA A 246 24.34 22.90 -4.57
CA ALA A 246 25.66 23.40 -4.19
C ALA A 246 25.79 24.92 -4.29
N SER A 247 24.71 25.60 -4.68
CA SER A 247 24.72 27.05 -4.79
C SER A 247 23.35 27.63 -4.46
N PRO A 248 23.07 27.81 -3.17
CA PRO A 248 21.82 28.37 -2.64
C PRO A 248 21.41 29.68 -3.31
N LYS A 249 22.40 30.54 -3.55
CA LYS A 249 22.18 31.84 -4.18
C LYS A 249 21.69 31.67 -5.62
N GLN A 250 22.32 30.73 -6.32
CA GLN A 250 21.99 30.42 -7.72
C GLN A 250 20.56 29.87 -7.79
N MET A 251 20.22 29.04 -6.80
CA MET A 251 18.90 28.42 -6.67
C MET A 251 17.77 29.46 -6.64
N LEU A 252 17.87 30.39 -5.68
CA LEU A 252 16.87 31.42 -5.52
C LEU A 252 16.71 32.25 -6.79
N ALA A 253 17.82 32.64 -7.40
CA ALA A 253 17.81 33.43 -8.63
C ALA A 253 17.14 32.67 -9.77
N GLU A 254 17.41 31.37 -9.86
CA GLU A 254 16.83 30.58 -10.92
C GLU A 254 15.33 30.36 -10.69
N LEU A 255 14.95 30.18 -9.42
CA LEU A 255 13.54 29.98 -9.04
C LEU A 255 12.74 31.23 -9.40
N ARG A 256 13.32 32.39 -9.12
CA ARG A 256 12.70 33.67 -9.44
C ARG A 256 12.33 33.80 -10.91
N SER A 257 13.30 33.57 -11.79
CA SER A 257 13.06 33.69 -13.23
C SER A 257 11.94 32.78 -13.71
N PHE A 258 11.95 31.53 -13.23
CA PHE A 258 10.94 30.55 -13.61
C PHE A 258 9.52 30.93 -13.16
N VAL A 259 9.31 31.23 -11.88
CA VAL A 259 7.94 31.58 -11.48
C VAL A 259 7.47 32.93 -12.04
N SER A 260 8.39 33.85 -12.33
CA SER A 260 8.02 35.13 -12.96
C SER A 260 7.50 34.84 -14.36
N ALA A 261 8.19 33.93 -15.06
CA ALA A 261 7.83 33.53 -16.42
C ALA A 261 6.49 32.80 -16.44
N MET A 262 6.36 31.88 -15.50
CA MET A 262 5.16 31.07 -15.33
C MET A 262 3.96 31.95 -14.98
N LYS A 263 4.13 32.86 -14.03
CA LYS A 263 3.08 33.78 -13.61
C LYS A 263 2.65 34.72 -14.76
N ALA A 264 3.63 35.20 -15.53
CA ALA A 264 3.34 36.11 -16.66
C ALA A 264 2.36 35.44 -17.64
N ALA A 265 2.54 34.14 -17.85
CA ALA A 265 1.68 33.38 -18.77
C ALA A 265 0.21 33.27 -18.36
N SER A 266 -0.10 33.55 -17.10
CA SER A 266 -1.49 33.45 -16.61
C SER A 266 -2.25 34.77 -16.78
N ARG A 267 -1.54 35.78 -17.24
CA ARG A 267 -2.06 37.13 -17.40
C ARG A 267 -2.56 37.36 -18.85
N THR B 3 -19.88 -0.30 -3.96
CA THR B 3 -19.17 -1.56 -4.29
C THR B 3 -20.18 -2.67 -4.15
N LEU B 4 -19.92 -3.83 -4.76
CA LEU B 4 -20.83 -4.96 -4.66
C LEU B 4 -20.65 -5.72 -3.34
N LEU B 5 -19.42 -5.69 -2.82
CA LEU B 5 -19.08 -6.38 -1.58
C LEU B 5 -18.63 -5.37 -0.53
N ASN B 6 -18.73 -5.75 0.74
CA ASN B 6 -18.33 -4.88 1.84
C ASN B 6 -16.80 -4.77 1.86
N PRO B 7 -16.25 -3.56 1.75
CA PRO B 7 -14.78 -3.33 1.76
C PRO B 7 -14.13 -3.43 3.14
N TYR B 8 -14.95 -3.50 4.19
CA TYR B 8 -14.47 -3.54 5.57
C TYR B 8 -14.81 -4.79 6.34
N PHE B 9 -13.94 -5.09 7.31
CA PHE B 9 -14.09 -6.21 8.23
C PHE B 9 -14.10 -5.41 9.53
N GLY B 10 -15.29 -4.97 9.93
CA GLY B 10 -15.41 -4.13 11.12
C GLY B 10 -14.75 -2.81 10.74
N GLU B 11 -13.89 -2.29 11.61
CA GLU B 11 -13.11 -1.06 11.43
C GLU B 11 -11.96 -1.16 10.41
N PHE B 12 -11.55 -2.38 10.07
CA PHE B 12 -10.39 -2.55 9.20
C PHE B 12 -10.66 -2.80 7.74
N GLY B 13 -9.75 -2.33 6.89
CA GLY B 13 -9.91 -2.54 5.45
C GLY B 13 -10.04 -1.26 4.67
N GLY B 14 -10.98 -1.23 3.73
CA GLY B 14 -11.19 -0.02 2.97
C GLY B 14 -10.54 0.03 1.61
N MET B 15 -10.55 1.23 1.02
CA MET B 15 -10.02 1.41 -0.31
C MET B 15 -9.24 2.73 -0.34
N TYR B 16 -8.16 2.82 0.43
CA TYR B 16 -7.39 4.04 0.47
C TYR B 16 -6.35 4.22 -0.64
N VAL B 17 -6.83 4.42 -1.87
CA VAL B 17 -5.95 4.64 -3.01
C VAL B 17 -6.30 5.95 -3.70
N PRO B 18 -5.37 6.52 -4.47
CA PRO B 18 -5.65 7.78 -5.17
C PRO B 18 -6.91 7.60 -6.03
N GLN B 19 -7.68 8.67 -6.21
CA GLN B 19 -8.92 8.61 -7.02
C GLN B 19 -8.75 7.91 -8.36
N ILE B 20 -7.62 8.19 -9.03
CA ILE B 20 -7.29 7.62 -10.34
C ILE B 20 -7.39 6.09 -10.40
N LEU B 21 -7.12 5.42 -9.27
CA LEU B 21 -7.15 3.95 -9.21
C LEU B 21 -8.47 3.30 -8.80
N MET B 22 -9.45 4.11 -8.46
CA MET B 22 -10.75 3.58 -8.05
C MET B 22 -11.46 2.74 -9.11
N PRO B 23 -11.50 3.22 -10.38
CA PRO B 23 -12.17 2.41 -11.41
C PRO B 23 -11.51 1.03 -11.60
N ALA B 24 -10.20 0.97 -11.42
CA ALA B 24 -9.44 -0.28 -11.53
C ALA B 24 -9.89 -1.27 -10.45
N LEU B 25 -10.09 -0.75 -9.23
CA LEU B 25 -10.55 -1.60 -8.14
C LEU B 25 -12.02 -2.01 -8.36
N ASN B 26 -12.86 -1.10 -8.85
CA ASN B 26 -14.25 -1.47 -9.08
C ASN B 26 -14.36 -2.49 -10.20
N GLN B 27 -13.48 -2.37 -11.21
CA GLN B 27 -13.44 -3.33 -12.33
C GLN B 27 -13.09 -4.74 -11.80
N LEU B 28 -12.00 -4.80 -11.03
CA LEU B 28 -11.54 -6.07 -10.46
C LEU B 28 -12.63 -6.74 -9.63
N GLU B 29 -13.28 -5.98 -8.75
CA GLU B 29 -14.37 -6.52 -7.94
C GLU B 29 -15.47 -7.17 -8.78
N GLU B 30 -15.96 -6.45 -9.80
CA GLU B 30 -17.01 -6.98 -10.68
C GLU B 30 -16.56 -8.28 -11.35
N ALA B 31 -15.34 -8.29 -11.84
CA ALA B 31 -14.80 -9.48 -12.52
C ALA B 31 -14.76 -10.66 -11.57
N PHE B 32 -14.36 -10.40 -10.33
CA PHE B 32 -14.28 -11.46 -9.31
C PHE B 32 -15.66 -12.05 -8.98
N VAL B 33 -16.66 -11.18 -8.82
CA VAL B 33 -18.03 -11.61 -8.52
C VAL B 33 -18.57 -12.48 -9.65
N ARG B 34 -18.33 -12.05 -10.87
CA ARG B 34 -18.75 -12.79 -12.06
C ARG B 34 -18.07 -14.15 -12.10
N ALA B 35 -16.74 -14.13 -12.02
CA ALA B 35 -15.93 -15.35 -12.09
C ALA B 35 -16.37 -16.40 -11.06
N GLN B 36 -16.65 -15.93 -9.86
CA GLN B 36 -17.09 -16.79 -8.76
C GLN B 36 -18.40 -17.50 -9.05
N LYS B 37 -19.16 -16.92 -9.96
CA LYS B 37 -20.47 -17.43 -10.35
C LYS B 37 -20.36 -18.30 -11.60
N ASP B 38 -19.25 -18.16 -12.30
CA ASP B 38 -19.00 -18.84 -13.56
C ASP B 38 -18.40 -20.24 -13.42
N PRO B 39 -19.21 -21.29 -13.65
CA PRO B 39 -18.73 -22.67 -13.54
C PRO B 39 -17.57 -22.95 -14.48
N GLU B 40 -17.52 -22.23 -15.60
CA GLU B 40 -16.45 -22.41 -16.58
C GLU B 40 -15.13 -21.89 -15.98
N PHE B 41 -15.19 -20.74 -15.32
CA PHE B 41 -13.99 -20.18 -14.68
C PHE B 41 -13.57 -21.14 -13.57
N GLN B 42 -14.55 -21.60 -12.81
CA GLN B 42 -14.33 -22.52 -11.70
C GLN B 42 -13.66 -23.82 -12.18
N ALA B 43 -14.15 -24.38 -13.29
CA ALA B 43 -13.58 -25.61 -13.81
C ALA B 43 -12.16 -25.37 -14.31
N GLN B 44 -11.91 -24.19 -14.89
CA GLN B 44 -10.58 -23.86 -15.38
C GLN B 44 -9.58 -23.73 -14.21
N PHE B 45 -10.00 -23.04 -13.15
CA PHE B 45 -9.16 -22.85 -11.97
C PHE B 45 -8.83 -24.22 -11.33
N ALA B 46 -9.88 -25.05 -11.16
CA ALA B 46 -9.73 -26.40 -10.59
C ALA B 46 -8.75 -27.26 -11.39
N ASP B 47 -8.82 -27.18 -12.72
CA ASP B 47 -7.93 -27.95 -13.58
C ASP B 47 -6.46 -27.56 -13.36
N LEU B 48 -6.16 -26.26 -13.38
CA LEU B 48 -4.79 -25.80 -13.16
C LEU B 48 -4.29 -26.20 -11.76
N LEU B 49 -5.16 -26.04 -10.77
CA LEU B 49 -4.80 -26.40 -9.42
C LEU B 49 -4.42 -27.89 -9.31
N LYS B 50 -5.25 -28.76 -9.88
CA LYS B 50 -5.06 -30.21 -9.83
C LYS B 50 -3.92 -30.72 -10.70
N ASN B 51 -4.05 -30.49 -11.99
CA ASN B 51 -3.09 -31.00 -12.97
C ASN B 51 -1.77 -30.27 -13.17
N TYR B 52 -1.68 -29.01 -12.73
CA TYR B 52 -0.46 -28.23 -12.86
C TYR B 52 0.23 -27.97 -11.50
N ALA B 53 -0.53 -27.57 -10.48
CA ALA B 53 0.03 -27.27 -9.17
C ALA B 53 0.21 -28.46 -8.21
N GLY B 54 -0.57 -29.52 -8.37
CA GLY B 54 -0.43 -30.69 -7.51
C GLY B 54 -1.46 -30.87 -6.41
N ARG B 55 -2.59 -30.16 -6.52
CA ARG B 55 -3.70 -30.20 -5.57
C ARG B 55 -4.44 -31.53 -5.75
N PRO B 56 -4.95 -32.14 -4.65
CA PRO B 56 -4.88 -31.71 -3.26
C PRO B 56 -3.53 -32.05 -2.62
N THR B 57 -3.10 -31.21 -1.69
CA THR B 57 -1.83 -31.44 -1.00
C THR B 57 -2.11 -32.38 0.19
N ALA B 58 -1.10 -33.13 0.60
CA ALA B 58 -1.24 -34.09 1.71
C ALA B 58 -1.44 -33.46 3.09
N LEU B 59 -2.03 -34.25 3.99
CA LEU B 59 -2.21 -33.85 5.39
C LEU B 59 -1.40 -34.97 6.08
N THR B 60 -0.22 -34.63 6.58
CA THR B 60 0.72 -35.59 7.18
C THR B 60 0.70 -35.67 8.71
N LYS B 61 0.51 -36.86 9.27
CA LYS B 61 0.55 -36.99 10.74
C LYS B 61 1.99 -37.11 11.22
N CYS B 62 2.36 -36.28 12.19
CA CYS B 62 3.72 -36.29 12.75
C CYS B 62 3.79 -37.07 14.06
N GLN B 63 4.02 -38.38 13.95
CA GLN B 63 4.09 -39.27 15.11
C GLN B 63 5.34 -39.06 15.98
N ASN B 64 6.51 -38.96 15.37
CA ASN B 64 7.76 -38.80 16.09
C ASN B 64 7.84 -37.55 16.96
N ILE B 65 7.46 -36.43 16.38
CA ILE B 65 7.50 -35.17 17.10
C ILE B 65 6.65 -35.10 18.38
N THR B 66 5.52 -35.80 18.39
CA THR B 66 4.61 -35.77 19.53
C THR B 66 4.74 -36.92 20.52
N ALA B 67 5.69 -37.80 20.28
CA ALA B 67 5.92 -38.96 21.12
C ALA B 67 6.08 -38.56 22.58
N GLY B 68 5.31 -39.22 23.44
CA GLY B 68 5.38 -38.96 24.87
C GLY B 68 4.47 -37.86 25.37
N THR B 69 3.51 -37.43 24.54
CA THR B 69 2.58 -36.38 24.94
C THR B 69 1.21 -36.81 24.49
N ARG B 70 0.19 -36.02 24.84
CA ARG B 70 -1.17 -36.33 24.46
C ARG B 70 -1.65 -35.44 23.30
N THR B 71 -0.70 -34.87 22.55
CA THR B 71 -0.99 -34.03 21.39
C THR B 71 -0.87 -34.87 20.10
N THR B 72 -1.80 -34.69 19.16
CA THR B 72 -1.75 -35.34 17.85
C THR B 72 -1.59 -34.18 16.88
N LEU B 73 -0.48 -34.18 16.13
CA LEU B 73 -0.15 -33.12 15.18
C LEU B 73 -0.13 -33.57 13.72
N TYR B 74 -0.76 -32.76 12.88
CA TYR B 74 -0.82 -32.99 11.44
C TYR B 74 -0.27 -31.72 10.80
N LEU B 75 0.31 -31.88 9.61
CA LEU B 75 0.83 -30.75 8.87
C LEU B 75 0.19 -30.71 7.47
N LYS B 76 -0.44 -29.58 7.13
CA LYS B 76 -1.03 -29.39 5.79
C LYS B 76 0.18 -29.09 4.91
N ARG B 77 0.43 -29.99 3.98
CA ARG B 77 1.58 -29.93 3.10
C ARG B 77 1.61 -28.96 1.88
N GLU B 78 1.62 -27.66 2.15
CA GLU B 78 1.62 -26.64 1.10
C GLU B 78 3.06 -26.56 0.56
N ASP B 79 4.00 -27.18 1.30
CA ASP B 79 5.41 -27.22 0.86
C ASP B 79 5.57 -28.11 -0.38
N LEU B 80 4.57 -28.94 -0.63
CA LEU B 80 4.55 -29.87 -1.77
C LEU B 80 3.87 -29.32 -3.02
N LEU B 81 3.36 -28.09 -2.94
CA LEU B 81 2.67 -27.40 -4.05
C LEU B 81 3.75 -26.95 -5.05
N HIS B 82 3.42 -26.92 -6.34
CA HIS B 82 4.38 -26.46 -7.35
C HIS B 82 4.90 -25.06 -6.94
N GLY B 83 6.21 -24.89 -6.90
CA GLY B 83 6.81 -23.61 -6.50
C GLY B 83 7.33 -23.70 -5.06
N GLY B 84 6.83 -24.68 -4.31
CA GLY B 84 7.25 -24.89 -2.94
C GLY B 84 6.58 -24.02 -1.88
N ALA B 85 5.53 -23.28 -2.25
CA ALA B 85 4.82 -22.42 -1.30
C ALA B 85 3.36 -22.29 -1.68
N HIS B 86 2.52 -21.93 -0.71
CA HIS B 86 1.08 -21.76 -0.90
C HIS B 86 0.72 -20.66 -1.90
N LYS B 87 1.62 -19.69 -2.06
CA LYS B 87 1.43 -18.51 -2.91
C LYS B 87 0.90 -18.87 -4.32
N THR B 88 1.33 -20.01 -4.84
CA THR B 88 0.93 -20.49 -6.17
C THR B 88 -0.60 -20.57 -6.40
N ASN B 89 -1.36 -20.97 -5.37
CA ASN B 89 -2.82 -21.09 -5.53
C ASN B 89 -3.42 -19.79 -6.03
N GLN B 90 -3.11 -18.76 -5.25
CA GLN B 90 -3.50 -17.36 -5.38
C GLN B 90 -3.23 -16.77 -6.77
N VAL B 91 -1.96 -16.83 -7.18
CA VAL B 91 -1.51 -16.27 -8.44
C VAL B 91 -2.16 -16.89 -9.68
N LEU B 92 -2.55 -18.15 -9.59
CA LEU B 92 -3.20 -18.80 -10.73
C LEU B 92 -4.61 -18.20 -10.91
N GLY B 93 -5.32 -18.01 -9.79
CA GLY B 93 -6.66 -17.44 -9.87
C GLY B 93 -6.62 -15.99 -10.35
N GLN B 94 -5.67 -15.22 -9.82
CA GLN B 94 -5.53 -13.82 -10.15
C GLN B 94 -5.12 -13.68 -11.63
N ALA B 95 -4.34 -14.64 -12.14
CA ALA B 95 -3.93 -14.61 -13.54
C ALA B 95 -5.13 -14.86 -14.45
N LEU B 96 -6.03 -15.76 -14.04
CA LEU B 96 -7.22 -16.07 -14.82
C LEU B 96 -8.17 -14.86 -14.77
N LEU B 97 -8.17 -14.15 -13.64
CA LEU B 97 -9.00 -12.96 -13.48
C LEU B 97 -8.48 -11.88 -14.43
N ALA B 98 -7.16 -11.74 -14.51
CA ALA B 98 -6.55 -10.75 -15.39
C ALA B 98 -6.96 -11.03 -16.84
N LYS B 99 -6.92 -12.32 -17.19
CA LYS B 99 -7.25 -12.79 -18.52
C LYS B 99 -8.74 -12.55 -18.84
N ARG B 100 -9.60 -12.80 -17.85
CA ARG B 100 -11.03 -12.60 -17.99
C ARG B 100 -11.36 -11.13 -18.26
N MET B 101 -10.49 -10.25 -17.78
CA MET B 101 -10.65 -8.80 -17.94
C MET B 101 -10.06 -8.29 -19.27
N GLY B 102 -9.44 -9.16 -20.04
CA GLY B 102 -8.84 -8.74 -21.30
C GLY B 102 -7.48 -8.10 -21.10
N LYS B 103 -6.89 -8.31 -19.92
CA LYS B 103 -5.59 -7.77 -19.58
C LYS B 103 -4.49 -8.70 -20.09
N SER B 104 -3.37 -8.14 -20.52
CA SER B 104 -2.26 -8.91 -21.06
C SER B 104 -0.93 -8.73 -20.33
N GLU B 105 -0.94 -7.88 -19.31
CA GLU B 105 0.26 -7.58 -18.55
C GLU B 105 0.01 -7.83 -17.06
N ILE B 106 1.07 -8.17 -16.33
CA ILE B 106 0.96 -8.43 -14.89
C ILE B 106 2.02 -7.61 -14.16
N ILE B 107 1.60 -6.89 -13.11
CA ILE B 107 2.52 -6.12 -12.29
C ILE B 107 2.58 -6.85 -10.95
N ALA B 108 3.77 -7.01 -10.39
CA ALA B 108 3.91 -7.69 -9.12
C ALA B 108 5.06 -7.17 -8.28
N GLU B 109 4.80 -7.22 -6.99
CA GLU B 109 5.69 -6.84 -5.91
C GLU B 109 6.23 -8.08 -5.20
N THR B 110 7.46 -8.01 -4.69
CA THR B 110 8.04 -9.15 -3.96
C THR B 110 9.14 -8.70 -3.00
N GLY B 111 9.22 -9.38 -1.86
CA GLY B 111 10.25 -9.04 -0.88
C GLY B 111 11.30 -10.12 -0.87
N ALA B 112 10.93 -11.27 -0.30
CA ALA B 112 11.82 -12.43 -0.21
C ALA B 112 12.01 -13.08 -1.59
N GLY B 113 11.10 -12.82 -2.52
CA GLY B 113 11.23 -13.38 -3.86
C GLY B 113 10.17 -14.39 -4.24
N GLN B 114 9.56 -15.04 -3.25
CA GLN B 114 8.54 -16.06 -3.49
C GLN B 114 7.34 -15.60 -4.31
N HIS B 115 6.75 -14.47 -3.97
CA HIS B 115 5.60 -14.01 -4.75
C HIS B 115 6.02 -13.70 -6.17
N GLY B 116 7.22 -13.18 -6.33
CA GLY B 116 7.72 -12.86 -7.65
C GLY B 116 7.88 -14.11 -8.50
N VAL B 117 8.40 -15.17 -7.89
CA VAL B 117 8.61 -16.46 -8.57
C VAL B 117 7.26 -17.05 -8.96
N ALA B 118 6.30 -16.99 -8.04
CA ALA B 118 4.96 -17.50 -8.28
C ALA B 118 4.25 -16.69 -9.39
N SER B 119 4.39 -15.38 -9.36
CA SER B 119 3.77 -14.54 -10.38
C SER B 119 4.43 -14.80 -11.74
N ALA B 120 5.75 -14.96 -11.74
CA ALA B 120 6.47 -15.21 -12.97
C ALA B 120 6.06 -16.55 -13.60
N LEU B 121 5.89 -17.59 -12.79
CA LEU B 121 5.50 -18.89 -13.32
C LEU B 121 4.05 -18.92 -13.84
N ALA B 122 3.16 -18.23 -13.14
CA ALA B 122 1.76 -18.19 -13.56
C ALA B 122 1.63 -17.45 -14.91
N SER B 123 2.43 -16.40 -15.08
CA SER B 123 2.41 -15.58 -16.29
C SER B 123 3.01 -16.32 -17.49
N ALA B 124 4.09 -17.07 -17.24
CA ALA B 124 4.74 -17.86 -18.28
C ALA B 124 3.73 -18.89 -18.81
N LEU B 125 3.10 -19.61 -17.89
CA LEU B 125 2.09 -20.61 -18.25
C LEU B 125 0.87 -20.04 -18.97
N LEU B 126 0.38 -18.90 -18.49
CA LEU B 126 -0.82 -18.32 -19.07
C LEU B 126 -0.66 -17.22 -20.12
N GLY B 127 0.57 -17.06 -20.61
CA GLY B 127 0.88 -16.07 -21.63
C GLY B 127 0.72 -14.59 -21.31
N LEU B 128 1.15 -14.17 -20.13
CA LEU B 128 1.06 -12.78 -19.70
C LEU B 128 2.44 -12.18 -19.59
N LYS B 129 2.55 -10.89 -19.84
CA LYS B 129 3.83 -10.19 -19.78
C LYS B 129 3.98 -9.75 -18.31
N CYS B 130 4.98 -10.29 -17.61
CA CYS B 130 5.16 -9.99 -16.20
C CYS B 130 6.30 -9.04 -15.85
N ARG B 131 5.95 -8.01 -15.09
CA ARG B 131 6.81 -6.93 -14.59
C ARG B 131 6.89 -7.12 -13.06
N ILE B 132 8.09 -7.20 -12.48
CA ILE B 132 8.22 -7.37 -11.03
C ILE B 132 9.10 -6.31 -10.37
N TYR B 133 8.60 -5.71 -9.30
CA TYR B 133 9.32 -4.69 -8.55
C TYR B 133 9.91 -5.28 -7.28
N MET B 134 11.18 -5.03 -7.06
CA MET B 134 11.90 -5.52 -5.90
C MET B 134 12.89 -4.48 -5.39
N GLY B 135 12.82 -4.18 -4.10
CA GLY B 135 13.73 -3.22 -3.52
C GLY B 135 15.17 -3.66 -3.75
N ALA B 136 16.03 -2.70 -4.08
CA ALA B 136 17.44 -2.96 -4.37
C ALA B 136 18.17 -3.77 -3.30
N LYS B 137 17.73 -3.64 -2.05
CA LYS B 137 18.35 -4.38 -0.95
C LYS B 137 17.97 -5.84 -1.05
N ASP B 138 16.70 -6.08 -1.34
CA ASP B 138 16.20 -7.45 -1.50
C ASP B 138 16.79 -8.15 -2.72
N VAL B 139 16.93 -7.44 -3.84
CA VAL B 139 17.51 -8.04 -5.04
C VAL B 139 18.95 -8.52 -4.78
N GLU B 140 19.72 -7.70 -4.08
CA GLU B 140 21.10 -8.05 -3.72
C GLU B 140 21.12 -9.32 -2.84
N ARG B 141 20.20 -9.34 -1.88
CA ARG B 141 20.04 -10.43 -0.93
C ARG B 141 19.30 -11.65 -1.49
N GLN B 142 18.79 -11.54 -2.71
CA GLN B 142 17.99 -12.63 -3.26
C GLN B 142 18.28 -13.03 -4.70
N SER B 143 19.55 -13.07 -5.07
CA SER B 143 19.93 -13.46 -6.42
C SER B 143 19.36 -14.79 -6.97
N PRO B 144 19.20 -15.84 -6.12
CA PRO B 144 18.64 -17.10 -6.65
C PRO B 144 17.20 -16.90 -7.18
N ASN B 145 16.36 -16.22 -6.39
CA ASN B 145 15.00 -15.96 -6.82
C ASN B 145 14.92 -14.97 -7.98
N VAL B 146 15.81 -13.98 -8.02
CA VAL B 146 15.79 -13.03 -9.14
C VAL B 146 16.12 -13.79 -10.42
N PHE B 147 17.09 -14.68 -10.32
CA PHE B 147 17.51 -15.47 -11.46
C PHE B 147 16.38 -16.42 -11.93
N ARG B 148 15.59 -16.92 -10.97
CA ARG B 148 14.49 -17.84 -11.26
C ARG B 148 13.42 -17.05 -12.04
N MET B 149 13.12 -15.86 -11.54
CA MET B 149 12.11 -14.97 -12.14
C MET B 149 12.49 -14.65 -13.59
N ARG B 150 13.76 -14.32 -13.80
CA ARG B 150 14.29 -13.96 -15.11
C ARG B 150 14.24 -15.15 -16.06
N LEU B 151 14.62 -16.33 -15.56
CA LEU B 151 14.60 -17.57 -16.35
C LEU B 151 13.17 -17.85 -16.81
N MET B 152 12.20 -17.45 -15.99
CA MET B 152 10.79 -17.65 -16.27
C MET B 152 10.20 -16.54 -17.18
N GLY B 153 11.08 -15.69 -17.72
CA GLY B 153 10.65 -14.63 -18.62
C GLY B 153 10.22 -13.29 -18.03
N ALA B 154 10.18 -13.18 -16.71
CA ALA B 154 9.76 -11.95 -16.07
C ALA B 154 10.81 -10.84 -16.04
N GLU B 155 10.37 -9.59 -16.14
CA GLU B 155 11.24 -8.42 -16.07
C GLU B 155 11.35 -8.05 -14.60
N VAL B 156 12.57 -8.01 -14.07
CA VAL B 156 12.79 -7.67 -12.66
C VAL B 156 13.35 -6.26 -12.58
N ILE B 157 12.66 -5.42 -11.80
CA ILE B 157 13.04 -4.01 -11.65
C ILE B 157 13.33 -3.62 -10.19
N PRO B 158 14.59 -3.27 -9.89
CA PRO B 158 15.03 -2.86 -8.55
C PRO B 158 14.52 -1.47 -8.19
N VAL B 159 13.95 -1.30 -7.00
CA VAL B 159 13.50 0.03 -6.57
C VAL B 159 14.51 0.55 -5.54
N HIS B 160 15.08 1.72 -5.80
CA HIS B 160 16.06 2.30 -4.89
C HIS B 160 15.51 3.34 -3.92
N SER B 161 14.23 3.63 -4.04
CA SER B 161 13.58 4.61 -3.16
C SER B 161 13.38 4.11 -1.72
N GLY B 162 13.31 5.07 -0.80
CA GLY B 162 13.10 4.77 0.60
C GLY B 162 14.09 3.82 1.22
N SER B 163 13.58 2.76 1.84
CA SER B 163 14.43 1.77 2.48
C SER B 163 14.87 0.69 1.48
N ALA B 164 14.42 0.84 0.22
CA ALA B 164 14.73 -0.08 -0.88
C ALA B 164 14.41 -1.54 -0.50
N THR B 165 13.22 -1.74 0.07
CA THR B 165 12.75 -3.07 0.48
C THR B 165 11.27 -3.26 0.06
N LEU B 166 10.57 -4.24 0.66
CA LEU B 166 9.16 -4.53 0.31
C LEU B 166 8.27 -3.29 0.25
N LYS B 167 8.27 -2.52 1.34
CA LYS B 167 7.51 -1.27 1.46
C LYS B 167 7.54 -0.47 0.16
N ASP B 168 8.78 -0.19 -0.27
CA ASP B 168 9.08 0.60 -1.43
C ASP B 168 8.72 -0.07 -2.75
N ALA B 169 8.80 -1.40 -2.80
CA ALA B 169 8.41 -2.16 -3.99
C ALA B 169 6.89 -2.00 -4.14
N CYS B 170 6.18 -2.11 -3.01
CA CYS B 170 4.72 -1.95 -2.96
C CYS B 170 4.35 -0.54 -3.48
N ASN B 171 5.17 0.47 -3.15
CA ASN B 171 4.93 1.84 -3.61
C ASN B 171 5.01 1.96 -5.14
N GLU B 172 6.14 1.51 -5.68
CA GLU B 172 6.42 1.53 -7.11
C GLU B 172 5.37 0.80 -7.95
N ALA B 173 4.88 -0.32 -7.43
CA ALA B 173 3.86 -1.10 -8.13
C ALA B 173 2.59 -0.28 -8.35
N LEU B 174 2.13 0.42 -7.32
CA LEU B 174 0.92 1.24 -7.42
C LEU B 174 1.15 2.47 -8.30
N ARG B 175 2.37 3.00 -8.27
CA ARG B 175 2.74 4.16 -9.07
C ARG B 175 2.58 3.70 -10.54
N ASP B 176 3.15 2.54 -10.85
CA ASP B 176 3.08 1.97 -12.19
C ASP B 176 1.61 1.75 -12.55
N TRP B 177 0.88 1.04 -11.68
CA TRP B 177 -0.53 0.73 -11.91
C TRP B 177 -1.43 1.95 -12.15
N SER B 178 -1.16 3.07 -11.48
CA SER B 178 -1.96 4.28 -11.64
C SER B 178 -1.85 4.83 -13.04
N GLY B 179 -0.79 4.46 -13.74
CA GLY B 179 -0.60 4.92 -15.11
C GLY B 179 -0.77 3.86 -16.17
N SER B 180 -0.97 2.60 -15.77
CA SER B 180 -1.12 1.51 -16.74
C SER B 180 -2.28 0.54 -16.51
N TYR B 181 -3.13 0.81 -15.53
CA TYR B 181 -4.27 -0.06 -15.20
C TYR B 181 -5.13 -0.51 -16.39
N GLU B 182 -5.10 0.26 -17.48
CA GLU B 182 -5.92 -0.08 -18.64
C GLU B 182 -5.45 -1.34 -19.38
N THR B 183 -4.15 -1.64 -19.33
CA THR B 183 -3.62 -2.83 -19.99
C THR B 183 -3.04 -3.90 -19.04
N ALA B 184 -2.63 -3.45 -17.84
CA ALA B 184 -2.00 -4.32 -16.83
C ALA B 184 -2.83 -4.57 -15.57
N HIS B 185 -2.65 -5.74 -14.98
CA HIS B 185 -3.33 -6.08 -13.72
C HIS B 185 -2.28 -6.20 -12.62
N TYR B 186 -2.56 -5.61 -11.46
CA TYR B 186 -1.64 -5.67 -10.32
C TYR B 186 -1.90 -6.93 -9.50
N MET B 187 -1.00 -7.91 -9.58
CA MET B 187 -1.13 -9.16 -8.82
C MET B 187 -0.53 -8.98 -7.42
N LEU B 188 -1.33 -8.46 -6.48
CA LEU B 188 -0.90 -8.21 -5.09
C LEU B 188 -0.58 -9.56 -4.42
N GLY B 189 0.50 -9.60 -3.65
CA GLY B 189 0.93 -10.85 -3.05
C GLY B 189 0.44 -11.39 -1.73
N THR B 190 -0.50 -10.72 -1.09
CA THR B 190 -1.00 -11.19 0.20
C THR B 190 -2.44 -10.74 0.43
N ALA B 191 -3.05 -11.25 1.49
CA ALA B 191 -4.43 -10.94 1.84
C ALA B 191 -4.54 -9.59 2.55
N ALA B 192 -3.98 -8.55 1.92
CA ALA B 192 -3.95 -7.19 2.44
C ALA B 192 -4.08 -6.19 1.26
N GLY B 193 -3.90 -4.90 1.53
CA GLY B 193 -4.03 -3.89 0.49
C GLY B 193 -5.47 -3.42 0.35
N PRO B 194 -5.80 -2.62 -0.68
CA PRO B 194 -7.18 -2.15 -0.82
C PRO B 194 -8.16 -3.22 -1.30
N HIS B 195 -9.40 -3.09 -0.89
CA HIS B 195 -10.44 -4.02 -1.31
C HIS B 195 -10.42 -3.83 -2.83
N PRO B 196 -10.74 -4.89 -3.61
CA PRO B 196 -11.13 -6.24 -3.19
C PRO B 196 -10.02 -7.28 -2.92
N TYR B 197 -8.77 -6.85 -2.82
CA TYR B 197 -7.68 -7.80 -2.60
C TYR B 197 -7.73 -8.74 -1.38
N PRO B 198 -8.07 -8.24 -0.16
CA PRO B 198 -8.13 -9.15 1.00
C PRO B 198 -9.16 -10.26 0.83
N THR B 199 -10.30 -9.92 0.22
CA THR B 199 -11.36 -10.88 -0.04
C THR B 199 -10.99 -11.86 -1.15
N ILE B 200 -10.40 -11.33 -2.23
CA ILE B 200 -10.03 -12.16 -3.38
C ILE B 200 -8.97 -13.19 -3.03
N VAL B 201 -7.89 -12.75 -2.38
CA VAL B 201 -6.80 -13.63 -1.98
C VAL B 201 -7.28 -14.76 -1.04
N ARG B 202 -8.20 -14.42 -0.13
CA ARG B 202 -8.79 -15.41 0.77
C ARG B 202 -9.53 -16.49 -0.01
N GLU B 203 -10.38 -16.03 -0.91
CA GLU B 203 -11.21 -16.93 -1.69
C GLU B 203 -10.35 -17.84 -2.59
N PHE B 204 -9.20 -17.33 -3.05
CA PHE B 204 -8.28 -18.08 -3.89
C PHE B 204 -7.23 -18.87 -3.08
N GLN B 205 -7.40 -18.89 -1.75
CA GLN B 205 -6.49 -19.58 -0.83
C GLN B 205 -7.33 -20.54 0.07
N ARG B 206 -8.65 -20.45 -0.06
CA ARG B 206 -9.65 -21.24 0.66
C ARG B 206 -9.56 -22.78 0.60
N MET B 207 -9.00 -23.29 -0.50
CA MET B 207 -8.82 -24.74 -0.78
C MET B 207 -8.12 -25.36 0.44
N ILE B 208 -7.10 -24.63 0.91
CA ILE B 208 -6.26 -25.08 2.03
C ILE B 208 -7.07 -25.61 3.20
N GLY B 209 -7.93 -24.76 3.79
CA GLY B 209 -8.75 -25.19 4.91
C GLY B 209 -9.86 -26.15 4.53
N GLU B 210 -10.41 -25.98 3.33
CA GLU B 210 -11.50 -26.82 2.83
C GLU B 210 -10.98 -28.28 2.73
N GLU B 211 -9.79 -28.42 2.17
CA GLU B 211 -9.14 -29.72 1.99
C GLU B 211 -8.77 -30.29 3.39
N THR B 212 -8.20 -29.46 4.25
CA THR B 212 -7.81 -29.84 5.62
C THR B 212 -9.01 -30.40 6.39
N LYS B 213 -10.18 -29.79 6.22
CA LYS B 213 -11.41 -30.27 6.87
C LYS B 213 -11.79 -31.68 6.45
N ALA B 214 -11.88 -31.90 5.15
CA ALA B 214 -12.26 -33.23 4.64
C ALA B 214 -11.24 -34.28 5.08
N GLN B 215 -9.98 -33.90 4.99
CA GLN B 215 -8.86 -34.79 5.30
C GLN B 215 -8.86 -35.21 6.79
N ILE B 216 -9.08 -34.24 7.69
CA ILE B 216 -9.09 -34.54 9.13
C ILE B 216 -10.34 -35.34 9.53
N LEU B 217 -11.45 -35.09 8.85
CA LEU B 217 -12.71 -35.78 9.09
C LEU B 217 -12.57 -37.25 8.70
N ASP B 218 -11.85 -37.47 7.60
CA ASP B 218 -11.62 -38.81 7.10
C ASP B 218 -10.73 -39.60 8.06
N LYS B 219 -9.59 -38.99 8.41
CA LYS B 219 -8.58 -39.61 9.24
C LYS B 219 -8.82 -39.64 10.75
N GLU B 220 -9.61 -38.72 11.28
CA GLU B 220 -9.85 -38.64 12.72
C GLU B 220 -11.34 -38.63 13.09
N GLY B 221 -12.20 -38.43 12.08
CA GLY B 221 -13.64 -38.40 12.29
C GLY B 221 -14.08 -37.29 13.24
N ARG B 222 -13.28 -36.23 13.31
CA ARG B 222 -13.50 -35.12 14.24
C ARG B 222 -12.86 -33.88 13.61
N LEU B 223 -13.28 -32.68 14.02
CA LEU B 223 -12.67 -31.45 13.52
C LEU B 223 -11.48 -31.16 14.45
N PRO B 224 -10.48 -30.40 13.99
CA PRO B 224 -9.33 -30.12 14.87
C PRO B 224 -9.68 -29.21 16.06
N ASP B 225 -8.87 -29.28 17.11
CA ASP B 225 -9.08 -28.44 18.29
C ASP B 225 -8.58 -27.03 17.93
N ALA B 226 -7.57 -26.97 17.08
CA ALA B 226 -7.00 -25.69 16.64
C ALA B 226 -6.16 -25.86 15.38
N VAL B 227 -6.20 -24.82 14.53
CA VAL B 227 -5.41 -24.77 13.29
C VAL B 227 -4.48 -23.57 13.49
N ILE B 228 -3.20 -23.77 13.22
CA ILE B 228 -2.15 -22.76 13.45
C ILE B 228 -1.41 -22.36 12.17
N ALA B 229 -1.16 -21.07 11.98
CA ALA B 229 -0.51 -20.58 10.77
C ALA B 229 0.32 -19.33 11.01
N CYS B 230 1.43 -19.19 10.31
CA CYS B 230 2.25 -17.99 10.47
C CYS B 230 1.54 -16.85 9.74
N VAL B 231 1.83 -15.62 10.14
CA VAL B 231 1.21 -14.45 9.56
C VAL B 231 2.25 -13.41 9.13
N GLY B 232 2.49 -13.31 7.82
CA GLY B 232 3.41 -12.30 7.31
C GLY B 232 2.51 -11.14 6.86
N GLY B 233 1.64 -11.43 5.91
CA GLY B 233 0.68 -10.47 5.42
C GLY B 233 -0.69 -11.06 5.69
N GLY B 234 -0.74 -12.38 5.84
CA GLY B 234 -2.00 -13.04 6.13
C GLY B 234 -2.63 -14.02 5.15
N SER B 235 -2.06 -14.25 3.97
CA SER B 235 -2.70 -15.16 3.01
C SER B 235 -2.75 -16.65 3.37
N ASN B 236 -1.63 -17.26 3.74
CA ASN B 236 -1.69 -18.68 4.08
C ASN B 236 -2.57 -18.90 5.29
N ALA B 237 -2.52 -17.97 6.24
CA ALA B 237 -3.31 -18.07 7.47
C ALA B 237 -4.80 -18.02 7.19
N ILE B 238 -5.25 -17.01 6.45
CA ILE B 238 -6.68 -16.89 6.14
C ILE B 238 -7.14 -18.05 5.23
N GLY B 239 -6.25 -18.58 4.39
CA GLY B 239 -6.61 -19.70 3.53
C GLY B 239 -6.95 -20.92 4.38
N MET B 240 -6.18 -21.10 5.45
CA MET B 240 -6.41 -22.18 6.41
C MET B 240 -7.66 -21.95 7.25
N PHE B 241 -7.79 -20.74 7.82
CA PHE B 241 -8.90 -20.37 8.70
C PHE B 241 -10.31 -20.36 8.10
N ALA B 242 -10.44 -19.70 6.94
CA ALA B 242 -11.74 -19.50 6.29
C ALA B 242 -12.85 -20.54 6.43
N ASP B 243 -12.59 -21.78 5.99
CA ASP B 243 -13.61 -22.81 6.08
C ASP B 243 -13.99 -23.23 7.50
N PHE B 244 -13.17 -22.85 8.47
CA PHE B 244 -13.42 -23.21 9.87
C PHE B 244 -14.04 -22.07 10.72
N ILE B 245 -14.15 -20.88 10.13
CA ILE B 245 -14.68 -19.72 10.86
C ILE B 245 -16.04 -20.00 11.51
N ASN B 246 -16.93 -20.67 10.80
CA ASN B 246 -18.25 -20.98 11.34
C ASN B 246 -18.26 -22.21 12.26
N ASP B 247 -17.14 -22.91 12.37
CA ASP B 247 -17.04 -24.07 13.26
C ASP B 247 -16.47 -23.47 14.52
N THR B 248 -17.34 -22.99 15.39
CA THR B 248 -16.91 -22.33 16.62
C THR B 248 -16.00 -23.07 17.59
N SER B 249 -16.04 -24.40 17.56
CA SER B 249 -15.21 -25.23 18.45
C SER B 249 -13.75 -25.31 17.97
N VAL B 250 -13.49 -24.87 16.74
CA VAL B 250 -12.15 -24.93 16.19
C VAL B 250 -11.39 -23.62 16.42
N GLY B 251 -10.31 -23.69 17.19
CA GLY B 251 -9.49 -22.53 17.48
C GLY B 251 -8.66 -22.09 16.28
N LEU B 252 -8.49 -20.78 16.10
CA LEU B 252 -7.74 -20.23 14.98
C LEU B 252 -6.57 -19.41 15.58
N ILE B 253 -5.35 -19.88 15.37
CA ILE B 253 -4.16 -19.24 15.92
C ILE B 253 -3.19 -18.76 14.84
N GLY B 254 -2.94 -17.45 14.84
CA GLY B 254 -2.02 -16.84 13.89
C GLY B 254 -0.74 -16.46 14.60
N VAL B 255 0.40 -16.78 14.00
CA VAL B 255 1.70 -16.51 14.61
C VAL B 255 2.50 -15.46 13.86
N GLU B 256 2.83 -14.38 14.55
CA GLU B 256 3.57 -13.26 13.98
C GLU B 256 5.04 -13.40 14.41
N PRO B 257 5.98 -12.90 13.58
CA PRO B 257 7.40 -12.99 13.95
C PRO B 257 7.80 -12.05 15.11
N GLY B 258 8.45 -12.62 16.11
CA GLY B 258 8.91 -11.85 17.25
C GLY B 258 10.33 -11.36 17.09
N GLY B 259 11.02 -11.79 16.03
CA GLY B 259 12.38 -11.35 15.80
C GLY B 259 13.33 -11.62 16.96
N HIS B 260 14.04 -10.58 17.42
CA HIS B 260 14.96 -10.74 18.55
C HIS B 260 14.22 -10.69 19.87
N GLY B 261 12.92 -10.42 19.81
CA GLY B 261 12.10 -10.34 21.01
C GLY B 261 11.25 -9.09 20.93
N ILE B 262 9.98 -9.19 21.32
CA ILE B 262 9.09 -8.02 21.27
C ILE B 262 9.70 -6.82 22.00
N GLU B 263 10.21 -7.07 23.20
CA GLU B 263 10.80 -6.04 24.04
C GLU B 263 11.99 -5.29 23.46
N THR B 264 12.62 -5.84 22.44
CA THR B 264 13.77 -5.19 21.81
C THR B 264 13.33 -4.21 20.72
N GLY B 265 12.07 -4.32 20.28
CA GLY B 265 11.57 -3.47 19.21
C GLY B 265 11.94 -4.04 17.85
N GLU B 266 12.75 -5.10 17.84
CA GLU B 266 13.21 -5.74 16.60
C GLU B 266 12.34 -6.94 16.27
N HIS B 267 11.14 -6.68 15.77
CA HIS B 267 10.18 -7.73 15.45
C HIS B 267 9.36 -7.38 14.20
N GLY B 268 8.38 -8.24 13.89
CA GLY B 268 7.49 -8.02 12.76
C GLY B 268 6.08 -8.39 13.18
N ALA B 269 5.66 -7.93 14.36
CA ALA B 269 4.32 -8.23 14.87
C ALA B 269 3.43 -7.00 15.04
N PRO B 270 2.98 -6.39 13.91
CA PRO B 270 2.11 -5.21 14.01
C PRO B 270 0.71 -5.46 14.58
N LEU B 271 0.11 -6.61 14.29
CA LEU B 271 -1.23 -6.91 14.77
C LEU B 271 -1.34 -6.85 16.29
N LYS B 272 -0.36 -7.40 16.99
CA LYS B 272 -0.46 -7.45 18.44
C LYS B 272 0.40 -6.35 19.12
N HIS B 273 1.39 -5.82 18.43
CA HIS B 273 2.30 -4.82 19.00
C HIS B 273 2.58 -3.56 18.16
N GLY B 274 1.74 -3.25 17.19
CA GLY B 274 1.95 -2.06 16.39
C GLY B 274 0.84 -1.09 16.71
N ARG B 275 0.55 -0.18 15.80
CA ARG B 275 -0.50 0.81 15.98
C ARG B 275 -1.32 0.95 14.69
N VAL B 276 -2.65 1.04 14.83
CA VAL B 276 -3.51 1.17 13.66
C VAL B 276 -3.16 2.44 12.85
N GLY B 277 -3.03 2.25 11.54
CA GLY B 277 -2.70 3.36 10.66
C GLY B 277 -3.41 3.17 9.33
N ILE B 278 -3.14 4.07 8.40
CA ILE B 278 -3.73 3.98 7.07
C ILE B 278 -2.59 3.98 6.07
N TYR B 279 -2.36 2.85 5.43
CA TYR B 279 -1.30 2.75 4.45
C TYR B 279 -1.47 1.48 3.61
N PHE B 280 -0.90 1.52 2.41
CA PHE B 280 -0.99 0.45 1.41
C PHE B 280 -2.44 0.22 1.00
N GLY B 281 -3.20 1.32 0.92
CA GLY B 281 -4.60 1.28 0.54
C GLY B 281 -5.50 0.61 1.54
N MET B 282 -5.07 0.67 2.81
CA MET B 282 -5.73 -0.06 3.90
C MET B 282 -5.67 0.58 5.31
N LYS B 283 -6.72 0.39 6.10
CA LYS B 283 -6.71 0.80 7.51
C LYS B 283 -6.38 -0.51 8.27
N ALA B 284 -5.22 -0.55 8.91
CA ALA B 284 -4.81 -1.76 9.62
C ALA B 284 -3.64 -1.47 10.57
N PRO B 285 -3.37 -2.40 11.51
CA PRO B 285 -2.27 -2.27 12.48
C PRO B 285 -0.97 -2.15 11.66
N MET B 286 -0.02 -1.33 12.10
CA MET B 286 1.18 -1.13 11.31
C MET B 286 2.46 -0.89 12.10
N MET B 287 3.59 -1.18 11.46
CA MET B 287 4.93 -0.99 12.06
C MET B 287 5.07 0.52 11.74
N GLN B 288 5.14 1.37 12.76
CA GLN B 288 5.13 2.82 12.55
C GLN B 288 5.91 3.60 13.61
N THR B 289 6.47 4.77 13.26
CA THR B 289 7.14 5.58 14.29
C THR B 289 6.03 6.38 15.02
N ALA B 290 6.38 7.08 16.10
CA ALA B 290 5.40 7.88 16.84
C ALA B 290 4.82 9.00 15.98
N ASP B 291 5.60 9.44 15.00
CA ASP B 291 5.22 10.49 14.04
C ASP B 291 4.30 9.98 12.94
N GLY B 292 4.28 8.66 12.74
CA GLY B 292 3.45 8.10 11.70
C GLY B 292 4.21 7.80 10.42
N GLN B 293 5.52 7.68 10.54
CA GLN B 293 6.39 7.39 9.41
C GLN B 293 6.40 5.84 9.35
N ILE B 294 6.22 5.24 8.18
CA ILE B 294 6.17 3.77 8.07
C ILE B 294 7.50 3.08 8.29
N GLU B 295 7.48 2.04 9.13
CA GLU B 295 8.68 1.29 9.48
C GLU B 295 8.75 -0.10 8.87
N GLU B 296 9.91 -0.73 9.00
CA GLU B 296 10.17 -2.07 8.47
C GLU B 296 9.89 -3.15 9.54
N SER B 297 9.50 -4.34 9.10
CA SER B 297 9.28 -5.46 10.02
C SER B 297 10.61 -6.23 10.04
N TYR B 298 10.97 -6.83 11.17
CA TYR B 298 12.20 -7.63 11.23
C TYR B 298 11.92 -9.07 11.63
N SER B 299 12.62 -10.00 10.97
CA SER B 299 12.51 -11.43 11.26
C SER B 299 13.65 -12.20 10.59
N ILE B 300 14.07 -13.30 11.20
CA ILE B 300 15.10 -14.16 10.62
C ILE B 300 14.56 -14.65 9.25
N SER B 301 13.24 -14.75 9.16
CA SER B 301 12.57 -15.18 7.95
C SER B 301 12.25 -13.96 7.08
N ALA B 302 12.88 -13.89 5.90
CA ALA B 302 12.66 -12.78 4.97
C ALA B 302 11.22 -12.65 4.47
N GLY B 303 10.53 -13.78 4.37
CA GLY B 303 9.16 -13.79 3.89
C GLY B 303 8.11 -13.27 4.86
N LEU B 304 8.50 -12.99 6.09
CA LEU B 304 7.55 -12.47 7.06
C LEU B 304 7.85 -10.99 7.32
N ASP B 305 8.28 -10.28 6.27
CA ASP B 305 8.62 -8.86 6.40
C ASP B 305 7.59 -7.79 5.97
N PHE B 306 6.34 -8.18 5.71
CA PHE B 306 5.30 -7.21 5.35
C PHE B 306 5.05 -6.44 6.64
N PRO B 307 5.25 -5.10 6.65
CA PRO B 307 5.08 -4.18 7.79
C PRO B 307 3.67 -3.92 8.34
N SER B 308 2.69 -4.69 7.90
CA SER B 308 1.32 -4.53 8.35
C SER B 308 0.70 -5.92 8.36
N VAL B 309 -0.63 -6.02 8.28
CA VAL B 309 -1.29 -7.32 8.34
C VAL B 309 -2.67 -7.18 7.71
N GLY B 310 -3.18 -8.29 7.17
CA GLY B 310 -4.50 -8.29 6.55
C GLY B 310 -5.60 -7.79 7.46
N PRO B 311 -6.54 -6.99 6.93
CA PRO B 311 -7.66 -6.45 7.73
C PRO B 311 -8.60 -7.50 8.36
N GLN B 312 -8.77 -8.65 7.69
CA GLN B 312 -9.62 -9.70 8.25
C GLN B 312 -9.07 -10.27 9.53
N HIS B 313 -7.75 -10.32 9.65
CA HIS B 313 -7.08 -10.82 10.85
C HIS B 313 -7.27 -9.85 12.01
N ALA B 314 -7.10 -8.55 11.72
CA ALA B 314 -7.27 -7.52 12.73
C ALA B 314 -8.69 -7.59 13.28
N TYR B 315 -9.65 -7.89 12.41
CA TYR B 315 -11.05 -8.01 12.76
C TYR B 315 -11.33 -9.29 13.54
N LEU B 316 -10.83 -10.42 13.04
CA LEU B 316 -11.05 -11.70 13.73
C LEU B 316 -10.47 -11.60 15.13
N ASN B 317 -9.39 -10.84 15.28
CA ASN B 317 -8.78 -10.65 16.59
C ASN B 317 -9.69 -9.80 17.47
N SER B 318 -10.13 -8.64 16.97
CA SER B 318 -10.95 -7.74 17.77
C SER B 318 -12.21 -8.37 18.35
N ILE B 319 -12.86 -9.26 17.60
CA ILE B 319 -14.08 -9.90 18.11
C ILE B 319 -13.80 -11.20 18.91
N GLY B 320 -12.53 -11.58 19.01
CA GLY B 320 -12.17 -12.78 19.75
C GLY B 320 -12.28 -14.11 19.02
N ARG B 321 -12.59 -14.11 17.72
CA ARG B 321 -12.69 -15.37 16.95
C ARG B 321 -11.35 -16.07 16.75
N ALA B 322 -10.29 -15.29 16.57
CA ALA B 322 -8.95 -15.83 16.37
C ALA B 322 -7.99 -15.19 17.36
N ASP B 323 -6.95 -15.93 17.75
CA ASP B 323 -5.95 -15.45 18.68
C ASP B 323 -4.59 -15.38 17.99
N TYR B 324 -3.86 -14.31 18.25
CA TYR B 324 -2.56 -14.13 17.63
C TYR B 324 -1.47 -14.07 18.67
N VAL B 325 -0.35 -14.72 18.36
CA VAL B 325 0.81 -14.82 19.23
C VAL B 325 2.06 -14.56 18.40
N SER B 326 3.22 -14.58 19.04
CA SER B 326 4.49 -14.38 18.33
C SER B 326 5.50 -15.45 18.74
N ILE B 327 6.52 -15.61 17.91
CA ILE B 327 7.59 -16.60 18.09
C ILE B 327 8.88 -15.93 17.63
N THR B 328 9.92 -16.00 18.46
CA THR B 328 11.22 -15.40 18.15
C THR B 328 12.05 -16.17 17.12
N ASP B 329 13.11 -15.53 16.64
CA ASP B 329 14.03 -16.16 15.68
C ASP B 329 14.54 -17.51 16.23
N ASP B 330 15.07 -17.52 17.45
CA ASP B 330 15.62 -18.75 18.03
C ASP B 330 14.59 -19.86 18.20
N GLU B 331 13.37 -19.45 18.51
CA GLU B 331 12.25 -20.38 18.69
C GLU B 331 11.94 -21.04 17.35
N ALA B 332 11.90 -20.22 16.29
CA ALA B 332 11.64 -20.74 14.94
C ALA B 332 12.81 -21.64 14.45
N LEU B 333 14.05 -21.27 14.77
CA LEU B 333 15.24 -22.07 14.40
C LEU B 333 15.15 -23.48 15.00
N GLU B 334 14.75 -23.54 16.26
CA GLU B 334 14.58 -24.80 16.95
C GLU B 334 13.51 -25.68 16.31
N ALA B 335 12.37 -25.11 15.95
CA ALA B 335 11.31 -25.87 15.31
C ALA B 335 11.79 -26.40 13.94
N PHE B 336 12.55 -25.56 13.24
CA PHE B 336 13.10 -25.91 11.95
C PHE B 336 14.00 -27.16 12.12
N LYS B 337 14.95 -27.06 13.04
CA LYS B 337 15.89 -28.13 13.35
C LYS B 337 15.14 -29.41 13.72
N THR B 338 14.17 -29.28 14.61
CA THR B 338 13.38 -30.42 15.08
C THR B 338 12.60 -31.20 14.03
N LEU B 339 11.94 -30.49 13.12
CA LEU B 339 11.17 -31.15 12.07
C LEU B 339 12.11 -31.89 11.12
N CYS B 340 13.28 -31.31 10.85
CA CYS B 340 14.26 -31.94 9.96
C CYS B 340 14.67 -33.30 10.52
N ARG B 341 15.14 -33.29 11.78
CA ARG B 341 15.61 -34.50 12.43
C ARG B 341 14.59 -35.57 12.78
N HIS B 342 13.38 -35.18 13.16
CA HIS B 342 12.38 -36.16 13.54
C HIS B 342 11.34 -36.57 12.54
N GLU B 343 11.17 -35.78 11.49
CA GLU B 343 10.13 -36.06 10.52
C GLU B 343 10.68 -36.13 9.07
N GLY B 344 11.93 -35.70 8.88
CA GLY B 344 12.54 -35.72 7.55
C GLY B 344 11.98 -34.69 6.57
N ILE B 345 11.44 -33.61 7.12
CA ILE B 345 10.84 -32.54 6.33
C ILE B 345 11.55 -31.23 6.66
N ILE B 346 11.99 -30.51 5.63
CA ILE B 346 12.68 -29.24 5.83
C ILE B 346 11.63 -28.16 5.60
N PRO B 347 11.20 -27.47 6.67
CA PRO B 347 10.19 -26.41 6.59
C PRO B 347 10.77 -25.04 6.32
N ALA B 348 9.98 -24.19 5.67
CA ALA B 348 10.41 -22.82 5.40
C ALA B 348 10.50 -22.17 6.79
N LEU B 349 11.42 -21.23 6.96
CA LEU B 349 11.56 -20.53 8.24
C LEU B 349 10.29 -19.77 8.59
N GLU B 350 9.50 -19.45 7.57
CA GLU B 350 8.24 -18.73 7.75
C GLU B 350 7.33 -19.72 8.50
N SER B 351 7.13 -20.88 7.87
CA SER B 351 6.28 -21.94 8.42
C SER B 351 6.75 -22.40 9.79
N SER B 352 8.06 -22.38 10.02
CA SER B 352 8.67 -22.79 11.31
C SER B 352 8.17 -21.99 12.52
N HIS B 353 7.61 -20.80 12.29
CA HIS B 353 7.08 -19.98 13.38
C HIS B 353 5.76 -20.62 13.84
N ALA B 354 4.98 -21.16 12.91
CA ALA B 354 3.72 -21.80 13.24
C ALA B 354 4.02 -23.10 13.98
N LEU B 355 4.96 -23.88 13.45
CA LEU B 355 5.38 -25.16 14.07
C LEU B 355 5.85 -24.93 15.51
N ALA B 356 6.74 -23.95 15.68
CA ALA B 356 7.28 -23.57 16.99
C ALA B 356 6.16 -23.31 17.98
N HIS B 357 5.03 -22.74 17.52
CA HIS B 357 3.96 -22.50 18.47
C HIS B 357 3.20 -23.78 18.84
N ALA B 358 2.99 -24.67 17.88
CA ALA B 358 2.29 -25.93 18.19
C ALA B 358 3.17 -26.73 19.15
N LEU B 359 4.49 -26.62 18.98
CA LEU B 359 5.47 -27.29 19.82
C LEU B 359 5.40 -26.78 21.28
N LYS B 360 5.21 -25.46 21.44
CA LYS B 360 5.05 -24.84 22.75
C LYS B 360 3.77 -25.31 23.43
N MET B 361 2.69 -25.36 22.64
CA MET B 361 1.37 -25.78 23.10
C MET B 361 1.50 -27.22 23.67
N MET B 362 2.20 -28.08 22.93
CA MET B 362 2.44 -29.45 23.35
C MET B 362 3.29 -29.53 24.62
N ARG B 363 4.51 -29.06 24.48
CA ARG B 363 5.55 -29.08 25.51
C ARG B 363 5.11 -28.43 26.84
N GLU B 364 4.30 -27.39 26.76
CA GLU B 364 3.89 -26.66 27.93
C GLU B 364 2.82 -27.40 28.75
N GLN B 365 2.04 -28.22 28.07
CA GLN B 365 0.97 -28.94 28.73
C GLN B 365 0.91 -30.31 28.02
N PRO B 366 1.94 -31.17 28.24
CA PRO B 366 2.10 -32.52 27.66
C PRO B 366 0.97 -33.50 27.88
N GLU B 367 0.20 -33.28 28.94
CA GLU B 367 -0.91 -34.15 29.27
C GLU B 367 -2.26 -33.68 28.72
N LYS B 368 -2.29 -32.53 28.05
CA LYS B 368 -3.54 -32.05 27.46
C LYS B 368 -3.81 -32.81 26.16
N GLU B 369 -5.00 -33.37 26.03
CA GLU B 369 -5.36 -34.07 24.80
C GLU B 369 -5.65 -32.94 23.81
N GLN B 370 -4.94 -32.94 22.68
CA GLN B 370 -5.05 -31.85 21.71
C GLN B 370 -4.89 -32.41 20.29
N LEU B 371 -5.79 -32.06 19.38
CA LEU B 371 -5.71 -32.46 17.97
C LEU B 371 -5.38 -31.17 17.19
N LEU B 372 -4.12 -31.02 16.80
CA LEU B 372 -3.62 -29.83 16.12
C LEU B 372 -3.25 -29.96 14.64
N VAL B 373 -3.46 -28.88 13.91
CA VAL B 373 -3.08 -28.81 12.49
C VAL B 373 -2.25 -27.56 12.23
N VAL B 374 -1.01 -27.75 11.77
CA VAL B 374 -0.12 -26.65 11.44
C VAL B 374 -0.11 -26.54 9.91
N ASN B 375 -0.18 -25.33 9.38
CA ASN B 375 -0.16 -25.13 7.93
C ASN B 375 1.30 -24.97 7.55
N LEU B 376 1.89 -25.99 6.91
CA LEU B 376 3.28 -25.88 6.51
C LEU B 376 3.21 -25.14 5.16
N SER B 377 3.21 -23.81 5.22
CA SER B 377 3.07 -22.98 4.03
C SER B 377 4.13 -23.09 2.93
N GLY B 378 5.30 -23.61 3.29
CA GLY B 378 6.37 -23.75 2.30
C GLY B 378 7.54 -24.66 2.66
N ARG B 379 8.37 -24.88 1.64
CA ARG B 379 9.58 -25.71 1.65
C ARG B 379 10.73 -24.89 2.21
N GLY B 380 11.69 -25.54 2.87
CA GLY B 380 12.80 -24.82 3.47
C GLY B 380 14.17 -24.96 2.83
N ASP B 381 14.25 -25.56 1.64
CA ASP B 381 15.53 -25.72 0.94
C ASP B 381 16.22 -24.37 0.84
N LYS B 382 15.37 -23.37 0.64
CA LYS B 382 15.65 -21.94 0.56
C LYS B 382 16.48 -21.40 1.73
N ASP B 383 16.18 -21.90 2.93
CA ASP B 383 16.81 -21.44 4.18
C ASP B 383 18.03 -22.19 4.71
N ILE B 384 18.47 -23.22 4.00
CA ILE B 384 19.61 -24.03 4.45
C ILE B 384 20.87 -23.25 4.78
N PHE B 385 21.16 -22.24 3.96
CA PHE B 385 22.35 -21.43 4.17
C PHE B 385 22.18 -20.50 5.37
N THR B 386 20.99 -19.94 5.52
CA THR B 386 20.69 -19.03 6.63
C THR B 386 20.85 -19.74 7.97
N VAL B 387 20.27 -20.93 8.12
CA VAL B 387 20.38 -21.67 9.37
C VAL B 387 21.76 -22.32 9.51
N HIS B 388 22.55 -22.23 8.44
CA HIS B 388 23.88 -22.80 8.40
C HIS B 388 24.90 -21.91 9.09
N ASP B 389 24.87 -20.64 8.75
CA ASP B 389 25.80 -19.65 9.30
C ASP B 389 25.45 -19.22 10.71
#